data_1BDE
#
_entry.id   1BDE
#
_cell.length_a   1.000
_cell.length_b   1.000
_cell.length_c   1.000
_cell.angle_alpha   90.00
_cell.angle_beta   90.00
_cell.angle_gamma   90.00
#
_symmetry.space_group_name_H-M   'P 1'
#
_entity_poly.entity_id   1
_entity_poly.type   'polypeptide(L)'
_entity_poly.pdbx_seq_one_letter_code
;(ACE)YGDTWAGVEAIIRILQQLLFIHFRIGCRHSRIG(NH2)
;
_entity_poly.pdbx_strand_id   A
#
loop_
_chem_comp.id
_chem_comp.type
_chem_comp.name
_chem_comp.formula
ACE non-polymer 'ACETYL GROUP' 'C2 H4 O'
NH2 non-polymer 'AMINO GROUP' 'H2 N'
#
# COMPACT_ATOMS: atom_id res chain seq x y z
C ACE A 1 -7.56 14.22 13.61
O ACE A 1 -8.34 15.13 13.82
CH3 ACE A 1 -6.15 14.52 13.14
H1 ACE A 1 -5.80 13.72 12.50
H2 ACE A 1 -5.50 14.61 13.99
H3 ACE A 1 -6.16 15.45 12.60
N TYR A 2 -7.88 12.96 13.73
CA TYR A 2 -9.24 12.49 14.18
C TYR A 2 -10.47 12.94 13.36
N GLY A 3 -10.32 13.96 12.56
CA GLY A 3 -11.45 14.46 11.72
C GLY A 3 -11.80 13.38 10.69
N ASP A 4 -12.99 12.85 10.80
CA ASP A 4 -13.51 11.77 9.88
C ASP A 4 -12.93 11.77 8.46
N THR A 5 -12.86 12.90 7.82
CA THR A 5 -12.30 12.94 6.44
C THR A 5 -10.80 12.70 6.44
N TRP A 6 -10.11 13.54 7.16
CA TRP A 6 -8.64 13.45 7.24
C TRP A 6 -8.20 12.17 7.87
N ALA A 7 -8.69 11.96 9.05
CA ALA A 7 -8.34 10.73 9.81
C ALA A 7 -8.83 9.51 9.05
N GLY A 8 -10.01 9.64 8.50
CA GLY A 8 -10.56 8.47 7.75
C GLY A 8 -9.69 8.15 6.54
N VAL A 9 -9.29 9.19 5.87
CA VAL A 9 -8.44 9.00 4.65
C VAL A 9 -7.02 8.69 5.01
N GLU A 10 -6.56 9.22 6.09
CA GLU A 10 -5.15 8.98 6.51
C GLU A 10 -5.03 7.55 7.00
N ALA A 11 -6.16 7.03 7.36
CA ALA A 11 -6.23 5.63 7.87
C ALA A 11 -6.29 4.64 6.71
N ILE A 12 -7.03 5.02 5.70
CA ILE A 12 -7.15 4.08 4.53
C ILE A 12 -5.88 4.25 3.71
N ILE A 13 -5.40 5.46 3.73
CA ILE A 13 -4.16 5.73 2.96
C ILE A 13 -3.05 4.79 3.45
N ARG A 14 -3.15 4.40 4.69
CA ARG A 14 -2.08 3.50 5.21
C ARG A 14 -2.10 2.11 4.66
N ILE A 15 -3.24 1.49 4.73
CA ILE A 15 -3.33 0.10 4.19
C ILE A 15 -3.28 0.08 2.67
N LEU A 16 -3.77 1.10 2.04
CA LEU A 16 -3.76 1.16 0.57
C LEU A 16 -2.34 1.30 0.10
N GLN A 17 -1.57 2.00 0.86
CA GLN A 17 -0.17 2.17 0.42
C GLN A 17 0.51 0.83 0.69
N GLN A 18 0.38 0.40 1.92
CA GLN A 18 1.00 -0.89 2.32
C GLN A 18 0.64 -2.01 1.36
N LEU A 19 -0.59 -1.99 0.95
CA LEU A 19 -1.05 -3.04 0.01
C LEU A 19 -0.69 -2.68 -1.42
N LEU A 20 -0.45 -1.43 -1.66
CA LEU A 20 -0.07 -1.05 -3.04
C LEU A 20 1.47 -1.30 -3.05
N PHE A 21 2.03 -1.61 -1.91
CA PHE A 21 3.50 -1.87 -1.85
C PHE A 21 3.79 -3.32 -2.16
N ILE A 22 2.92 -4.16 -1.69
CA ILE A 22 3.13 -5.62 -1.93
C ILE A 22 3.39 -5.97 -3.40
N HIS A 23 2.75 -5.32 -4.34
CA HIS A 23 3.00 -5.65 -5.77
C HIS A 23 4.50 -5.54 -6.07
N PHE A 24 5.16 -4.70 -5.32
CA PHE A 24 6.63 -4.49 -5.50
C PHE A 24 7.44 -5.55 -4.75
N ARG A 25 6.78 -6.17 -3.84
CA ARG A 25 7.43 -7.22 -3.00
C ARG A 25 7.07 -8.58 -3.57
N ILE A 26 6.07 -8.52 -4.40
CA ILE A 26 5.53 -9.71 -5.09
C ILE A 26 6.16 -9.82 -6.48
N GLY A 27 6.08 -8.77 -7.28
CA GLY A 27 6.67 -8.84 -8.65
C GLY A 27 8.18 -8.99 -8.57
N CYS A 28 8.80 -7.96 -8.05
CA CYS A 28 10.29 -7.94 -7.90
C CYS A 28 10.86 -9.06 -7.01
N ARG A 29 10.05 -10.01 -6.65
CA ARG A 29 10.52 -11.14 -5.80
C ARG A 29 10.14 -12.45 -6.48
N HIS A 30 8.94 -12.48 -7.00
CA HIS A 30 8.45 -13.71 -7.68
C HIS A 30 8.92 -13.82 -9.14
N SER A 31 9.09 -12.72 -9.82
CA SER A 31 9.55 -12.82 -11.25
C SER A 31 10.77 -11.99 -11.60
N ARG A 32 11.67 -11.82 -10.67
CA ARG A 32 12.91 -11.01 -10.96
C ARG A 32 13.91 -11.78 -11.87
N ILE A 33 13.41 -12.51 -12.84
CA ILE A 33 14.31 -13.29 -13.74
C ILE A 33 14.89 -12.36 -14.84
N GLY A 34 15.58 -11.36 -14.39
CA GLY A 34 16.20 -10.39 -15.35
C GLY A 34 17.45 -9.82 -14.72
N NH2 A 35 18.20 -10.61 -14.00
HN1 NH2 A 35 17.95 -11.54 -13.89
HN2 NH2 A 35 19.00 -10.24 -13.58
C ACE A 1 -6.00 15.73 11.52
O ACE A 1 -6.68 16.64 11.92
CH3 ACE A 1 -5.04 15.92 10.35
H1 ACE A 1 -5.36 16.77 9.78
H2 ACE A 1 -5.04 15.04 9.72
H3 ACE A 1 -4.05 16.10 10.73
N TYR A 2 -6.04 14.53 12.04
CA TYR A 2 -6.93 14.15 13.21
C TYR A 2 -8.45 14.27 12.98
N GLY A 3 -8.87 15.10 12.07
CA GLY A 3 -10.34 15.24 11.80
C GLY A 3 -10.88 13.94 11.19
N ASP A 4 -12.05 13.51 11.60
CA ASP A 4 -12.71 12.26 11.10
C ASP A 4 -12.33 11.86 9.68
N THR A 5 -12.51 12.77 8.76
CA THR A 5 -12.19 12.52 7.34
C THR A 5 -10.68 12.43 7.11
N TRP A 6 -9.97 13.31 7.76
CA TRP A 6 -8.50 13.31 7.60
C TRP A 6 -7.93 12.04 8.15
N ALA A 7 -8.21 11.78 9.38
CA ALA A 7 -7.68 10.54 10.00
C ALA A 7 -8.31 9.35 9.29
N GLY A 8 -9.60 9.46 9.10
CA GLY A 8 -10.36 8.36 8.42
C GLY A 8 -9.78 8.02 7.06
N VAL A 9 -9.38 9.03 6.34
CA VAL A 9 -8.82 8.80 4.98
C VAL A 9 -7.34 8.53 5.06
N GLU A 10 -6.66 9.22 5.89
CA GLU A 10 -5.19 8.99 5.99
C GLU A 10 -5.01 7.54 6.45
N ALA A 11 -5.99 7.06 7.16
CA ALA A 11 -5.95 5.67 7.67
C ALA A 11 -6.29 4.68 6.56
N ILE A 12 -7.11 5.06 5.61
CA ILE A 12 -7.42 4.05 4.54
C ILE A 12 -6.34 4.16 3.49
N ILE A 13 -5.90 5.35 3.28
CA ILE A 13 -4.84 5.55 2.28
C ILE A 13 -3.59 4.76 2.72
N ARG A 14 -3.52 4.56 4.01
CA ARG A 14 -2.37 3.83 4.60
C ARG A 14 -2.24 2.40 4.13
N ILE A 15 -3.28 1.66 4.32
CA ILE A 15 -3.23 0.23 3.88
C ILE A 15 -3.23 0.12 2.37
N LEU A 16 -3.85 1.04 1.70
CA LEU A 16 -3.91 1.02 0.24
C LEU A 16 -2.53 1.27 -0.29
N GLN A 17 -1.80 2.09 0.40
CA GLN A 17 -0.44 2.36 -0.09
C GLN A 17 0.38 1.15 0.29
N GLN A 18 0.25 0.72 1.52
CA GLN A 18 1.02 -0.46 1.99
C GLN A 18 0.83 -1.66 1.05
N LEU A 19 -0.38 -1.83 0.60
CA LEU A 19 -0.64 -2.97 -0.31
C LEU A 19 -0.13 -2.64 -1.69
N LEU A 20 -0.27 -1.40 -2.06
CA LEU A 20 0.24 -1.01 -3.40
C LEU A 20 1.74 -1.32 -3.38
N PHE A 21 2.26 -1.25 -2.17
CA PHE A 21 3.71 -1.53 -2.01
C PHE A 21 3.88 -3.04 -2.18
N ILE A 22 3.05 -3.81 -1.49
CA ILE A 22 3.14 -5.30 -1.60
C ILE A 22 3.30 -5.76 -3.06
N HIS A 23 2.55 -5.17 -3.95
CA HIS A 23 2.65 -5.55 -5.39
C HIS A 23 4.13 -5.56 -5.84
N PHE A 24 4.80 -4.49 -5.50
CA PHE A 24 6.24 -4.34 -5.87
C PHE A 24 7.12 -5.42 -5.24
N ARG A 25 6.60 -6.00 -4.22
CA ARG A 25 7.31 -7.07 -3.46
C ARG A 25 6.98 -8.36 -4.17
N ILE A 26 5.72 -8.46 -4.51
CA ILE A 26 5.16 -9.63 -5.23
C ILE A 26 5.94 -9.75 -6.54
N GLY A 27 6.32 -8.64 -7.11
CA GLY A 27 7.10 -8.71 -8.38
C GLY A 27 8.52 -9.14 -8.02
N CYS A 28 9.15 -8.37 -7.17
CA CYS A 28 10.56 -8.65 -6.72
C CYS A 28 10.73 -10.13 -6.31
N ARG A 29 10.04 -10.50 -5.26
CA ARG A 29 10.10 -11.90 -4.73
C ARG A 29 9.88 -12.94 -5.85
N HIS A 30 9.13 -12.58 -6.86
CA HIS A 30 8.86 -13.54 -7.99
C HIS A 30 9.65 -13.22 -9.24
N SER A 31 10.41 -12.17 -9.20
CA SER A 31 11.22 -11.77 -10.39
C SER A 31 12.73 -11.77 -10.09
N ARG A 32 13.12 -12.36 -8.98
CA ARG A 32 14.57 -12.40 -8.62
C ARG A 32 15.11 -13.85 -8.54
N ILE A 33 15.37 -14.47 -9.66
CA ILE A 33 15.89 -15.88 -9.62
C ILE A 33 17.29 -15.92 -10.26
N GLY A 34 17.99 -14.83 -10.07
CA GLY A 34 19.38 -14.70 -10.62
C GLY A 34 19.37 -14.52 -12.13
N NH2 A 35 18.78 -15.39 -12.89
HN1 NH2 A 35 18.32 -16.15 -12.48
HN2 NH2 A 35 18.78 -15.27 -13.86
C ACE A 1 -7.20 9.53 14.64
O ACE A 1 -8.30 9.24 14.20
CH3 ACE A 1 -5.93 8.97 13.99
H1 ACE A 1 -6.15 8.02 13.55
H2 ACE A 1 -5.16 8.87 14.73
H3 ACE A 1 -5.60 9.66 13.21
N TYR A 2 -7.04 10.31 15.66
CA TYR A 2 -8.22 10.89 16.37
C TYR A 2 -8.75 12.12 15.60
N GLY A 3 -9.37 11.85 14.49
CA GLY A 3 -9.95 12.94 13.64
C GLY A 3 -10.99 12.32 12.69
N ASP A 4 -11.73 13.14 12.00
CA ASP A 4 -12.75 12.61 11.07
C ASP A 4 -12.06 12.45 9.72
N THR A 5 -12.61 13.06 8.71
CA THR A 5 -12.07 13.00 7.31
C THR A 5 -10.54 12.87 7.18
N TRP A 6 -9.76 13.58 7.95
CA TRP A 6 -8.29 13.44 7.79
C TRP A 6 -7.85 12.05 8.18
N ALA A 7 -7.98 11.78 9.45
CA ALA A 7 -7.57 10.46 9.98
C ALA A 7 -8.25 9.39 9.14
N GLY A 8 -9.51 9.61 8.95
CA GLY A 8 -10.35 8.66 8.15
C GLY A 8 -9.65 8.35 6.83
N VAL A 9 -9.10 9.37 6.22
CA VAL A 9 -8.40 9.14 4.92
C VAL A 9 -7.02 8.59 5.11
N GLU A 10 -6.31 9.02 6.09
CA GLU A 10 -4.93 8.47 6.27
C GLU A 10 -5.08 6.98 6.50
N ALA A 11 -6.18 6.67 7.10
CA ALA A 11 -6.48 5.25 7.42
C ALA A 11 -6.87 4.47 6.19
N ILE A 12 -7.53 5.10 5.25
CA ILE A 12 -7.91 4.29 4.04
C ILE A 12 -6.77 4.34 3.05
N ILE A 13 -6.01 5.40 3.13
CA ILE A 13 -4.86 5.53 2.22
C ILE A 13 -3.67 4.73 2.75
N ARG A 14 -3.54 4.65 4.06
CA ARG A 14 -2.40 3.91 4.66
C ARG A 14 -2.33 2.47 4.19
N ILE A 15 -3.41 1.78 4.34
CA ILE A 15 -3.42 0.36 3.90
C ILE A 15 -3.44 0.21 2.37
N LEU A 16 -3.97 1.18 1.68
CA LEU A 16 -4.03 1.10 0.21
C LEU A 16 -2.63 1.27 -0.31
N GLN A 17 -1.85 2.00 0.43
CA GLN A 17 -0.46 2.21 -0.02
C GLN A 17 0.31 0.97 0.43
N GLN A 18 0.22 0.69 1.70
CA GLN A 18 0.94 -0.48 2.26
C GLN A 18 0.66 -1.75 1.49
N LEU A 19 -0.57 -1.88 1.05
CA LEU A 19 -0.92 -3.10 0.29
C LEU A 19 -0.51 -2.98 -1.17
N LEU A 20 -0.57 -1.78 -1.66
CA LEU A 20 -0.17 -1.56 -3.08
C LEU A 20 1.35 -1.75 -3.08
N PHE A 21 1.95 -1.65 -1.92
CA PHE A 21 3.43 -1.81 -1.89
C PHE A 21 3.77 -3.28 -2.11
N ILE A 22 2.95 -4.13 -1.55
CA ILE A 22 3.16 -5.61 -1.67
C ILE A 22 3.42 -6.00 -3.11
N HIS A 23 2.69 -5.41 -4.00
CA HIS A 23 2.87 -5.72 -5.46
C HIS A 23 4.35 -5.59 -5.82
N PHE A 24 4.98 -4.62 -5.22
CA PHE A 24 6.44 -4.37 -5.49
C PHE A 24 7.32 -5.37 -4.78
N ARG A 25 6.77 -5.99 -3.79
CA ARG A 25 7.52 -6.99 -3.00
C ARG A 25 7.27 -8.34 -3.62
N ILE A 26 6.19 -8.35 -4.35
CA ILE A 26 5.77 -9.56 -5.05
C ILE A 26 6.48 -9.60 -6.41
N GLY A 27 6.31 -8.62 -7.25
CA GLY A 27 6.98 -8.63 -8.59
C GLY A 27 8.48 -9.00 -8.63
N CYS A 28 9.30 -8.09 -8.20
CA CYS A 28 10.78 -8.36 -8.20
C CYS A 28 11.28 -9.46 -7.25
N ARG A 29 10.38 -10.14 -6.59
CA ARG A 29 10.82 -11.22 -5.65
C ARG A 29 10.25 -12.56 -6.12
N HIS A 30 9.03 -12.47 -6.54
CA HIS A 30 8.26 -13.63 -7.05
C HIS A 30 8.71 -13.92 -8.50
N SER A 31 9.22 -12.90 -9.15
CA SER A 31 9.69 -13.07 -10.56
C SER A 31 11.19 -12.68 -10.67
N ARG A 32 11.53 -11.91 -11.67
CA ARG A 32 12.95 -11.44 -11.92
C ARG A 32 13.85 -12.70 -12.00
N ILE A 33 13.31 -13.68 -12.67
CA ILE A 33 14.02 -14.97 -12.85
C ILE A 33 15.21 -14.75 -13.82
N GLY A 34 16.24 -14.14 -13.29
CA GLY A 34 17.46 -13.85 -14.11
C GLY A 34 18.05 -15.11 -14.72
N NH2 A 35 17.97 -16.26 -14.09
HN1 NH2 A 35 17.51 -16.29 -13.22
HN2 NH2 A 35 18.36 -17.05 -14.49
C ACE A 1 -15.36 12.27 14.09
O ACE A 1 -14.32 12.84 14.35
CH3 ACE A 1 -15.68 10.91 14.69
H1 ACE A 1 -16.47 11.01 15.42
H2 ACE A 1 -14.79 10.52 15.17
H3 ACE A 1 -15.99 10.24 13.89
N TYR A 2 -16.28 12.75 13.29
CA TYR A 2 -16.19 14.08 12.59
C TYR A 2 -15.09 14.15 11.51
N GLY A 3 -13.88 13.88 11.90
CA GLY A 3 -12.72 13.92 10.93
C GLY A 3 -12.78 12.79 9.89
N ASP A 4 -13.91 12.14 9.84
CA ASP A 4 -14.18 11.00 8.91
C ASP A 4 -13.41 11.09 7.58
N THR A 5 -13.63 12.15 6.85
CA THR A 5 -12.93 12.32 5.55
C THR A 5 -11.41 12.30 5.67
N TRP A 6 -10.86 12.88 6.71
CA TRP A 6 -9.37 12.87 6.83
C TRP A 6 -8.87 11.61 7.49
N ALA A 7 -9.44 11.34 8.62
CA ALA A 7 -9.04 10.15 9.40
C ALA A 7 -9.30 8.86 8.61
N GLY A 8 -10.46 8.82 8.02
CA GLY A 8 -10.83 7.62 7.23
C GLY A 8 -9.87 7.45 6.07
N VAL A 9 -9.57 8.54 5.44
CA VAL A 9 -8.63 8.47 4.29
C VAL A 9 -7.20 8.31 4.70
N GLU A 10 -6.81 8.87 5.80
CA GLU A 10 -5.39 8.71 6.22
C GLU A 10 -5.26 7.25 6.63
N ALA A 11 -6.35 6.74 7.13
CA ALA A 11 -6.36 5.31 7.58
C ALA A 11 -6.30 4.34 6.43
N ILE A 12 -6.92 4.70 5.34
CA ILE A 12 -6.87 3.75 4.20
C ILE A 12 -5.55 3.98 3.52
N ILE A 13 -5.16 5.23 3.50
CA ILE A 13 -3.87 5.59 2.87
C ILE A 13 -2.82 4.68 3.50
N ARG A 14 -2.89 4.58 4.81
CA ARG A 14 -1.87 3.71 5.51
C ARG A 14 -1.73 2.34 4.92
N ILE A 15 -2.86 1.79 4.58
CA ILE A 15 -2.86 0.43 3.98
C ILE A 15 -2.55 0.51 2.50
N LEU A 16 -2.88 1.61 1.88
CA LEU A 16 -2.61 1.71 0.42
C LEU A 16 -1.13 1.87 0.21
N GLN A 17 -0.52 2.53 1.16
CA GLN A 17 0.95 2.76 1.06
C GLN A 17 1.61 1.43 1.35
N GLN A 18 1.15 0.83 2.42
CA GLN A 18 1.72 -0.48 2.80
C GLN A 18 1.59 -1.51 1.66
N LEU A 19 0.39 -1.64 1.18
CA LEU A 19 0.15 -2.61 0.08
C LEU A 19 0.83 -2.15 -1.21
N LEU A 20 1.00 -0.87 -1.36
CA LEU A 20 1.65 -0.35 -2.58
C LEU A 20 3.14 -0.74 -2.46
N PHE A 21 3.56 -1.11 -1.28
CA PHE A 21 4.98 -1.50 -1.10
C PHE A 21 5.06 -3.00 -1.33
N ILE A 22 4.16 -3.64 -0.66
CA ILE A 22 4.07 -5.11 -0.74
C ILE A 22 3.87 -5.57 -2.20
N HIS A 23 3.02 -4.91 -2.93
CA HIS A 23 2.80 -5.31 -4.35
C HIS A 23 4.13 -5.31 -5.13
N PHE A 24 5.13 -4.62 -4.61
CA PHE A 24 6.45 -4.57 -5.30
C PHE A 24 7.31 -5.76 -4.89
N ARG A 25 6.99 -6.23 -3.73
CA ARG A 25 7.72 -7.37 -3.13
C ARG A 25 7.08 -8.64 -3.62
N ILE A 26 5.82 -8.49 -3.90
CA ILE A 26 5.01 -9.59 -4.43
C ILE A 26 5.38 -9.53 -5.91
N GLY A 27 5.15 -8.37 -6.46
CA GLY A 27 5.44 -8.08 -7.90
C GLY A 27 6.79 -8.62 -8.39
N CYS A 28 7.87 -8.05 -7.95
CA CYS A 28 9.22 -8.54 -8.41
C CYS A 28 9.35 -10.07 -8.27
N ARG A 29 9.00 -10.53 -7.11
CA ARG A 29 9.09 -11.99 -6.83
C ARG A 29 8.14 -12.80 -7.68
N HIS A 30 7.04 -12.20 -8.05
CA HIS A 30 6.03 -12.91 -8.89
C HIS A 30 6.67 -13.47 -10.17
N SER A 31 7.76 -12.85 -10.53
CA SER A 31 8.52 -13.25 -11.75
C SER A 31 10.01 -13.31 -11.39
N ARG A 32 10.27 -13.59 -10.13
CA ARG A 32 11.67 -13.69 -9.60
C ARG A 32 12.66 -12.72 -10.30
N ILE A 33 12.19 -11.51 -10.47
CA ILE A 33 13.00 -10.44 -11.13
C ILE A 33 14.19 -10.14 -10.20
N GLY A 34 15.19 -10.96 -10.32
CA GLY A 34 16.40 -10.79 -9.47
C GLY A 34 16.17 -11.61 -8.22
N NH2 A 35 15.37 -12.63 -8.27
HN1 NH2 A 35 14.94 -12.86 -9.13
HN2 NH2 A 35 15.21 -13.16 -7.47
C ACE A 1 -8.48 21.02 11.51
O ACE A 1 -8.88 21.28 10.39
CH3 ACE A 1 -7.08 21.44 11.95
H1 ACE A 1 -6.50 21.69 11.07
H2 ACE A 1 -6.61 20.64 12.49
H3 ACE A 1 -7.15 22.32 12.58
N TYR A 2 -9.19 20.35 12.39
CA TYR A 2 -10.58 19.86 12.11
C TYR A 2 -10.62 19.03 10.80
N GLY A 3 -9.49 18.48 10.44
CA GLY A 3 -9.41 17.65 9.18
C GLY A 3 -10.04 16.27 9.36
N ASP A 4 -11.27 16.22 9.81
CA ASP A 4 -11.96 14.89 10.01
C ASP A 4 -11.67 13.92 8.86
N THR A 5 -12.06 14.31 7.68
CA THR A 5 -11.85 13.45 6.47
C THR A 5 -10.37 13.12 6.25
N TRP A 6 -9.48 13.99 6.66
CA TRP A 6 -8.02 13.69 6.46
C TRP A 6 -7.69 12.47 7.27
N ALA A 7 -8.04 12.59 8.51
CA ALA A 7 -7.79 11.47 9.46
C ALA A 7 -8.39 10.20 8.91
N GLY A 8 -9.59 10.33 8.40
CA GLY A 8 -10.27 9.12 7.84
C GLY A 8 -9.53 8.59 6.59
N VAL A 9 -9.04 9.49 5.80
CA VAL A 9 -8.31 9.05 4.55
C VAL A 9 -6.87 8.62 4.74
N GLU A 10 -6.19 9.19 5.67
CA GLU A 10 -4.76 8.81 5.90
C GLU A 10 -4.76 7.35 6.42
N ALA A 11 -5.85 7.05 7.05
CA ALA A 11 -6.09 5.71 7.65
C ALA A 11 -6.41 4.69 6.57
N ILE A 12 -7.22 5.07 5.62
CA ILE A 12 -7.54 4.07 4.55
C ILE A 12 -6.34 4.05 3.61
N ILE A 13 -5.71 5.18 3.53
CA ILE A 13 -4.53 5.25 2.65
C ILE A 13 -3.45 4.30 3.19
N ARG A 14 -3.46 4.16 4.49
CA ARG A 14 -2.44 3.26 5.10
C ARG A 14 -2.52 1.82 4.67
N ILE A 15 -3.65 1.25 4.89
CA ILE A 15 -3.81 -0.19 4.51
C ILE A 15 -3.71 -0.37 3.00
N LEU A 16 -4.14 0.61 2.25
CA LEU A 16 -4.10 0.55 0.79
C LEU A 16 -2.68 0.64 0.32
N GLN A 17 -1.91 1.40 1.04
CA GLN A 17 -0.49 1.50 0.59
C GLN A 17 0.18 0.21 1.03
N GLN A 18 -0.03 -0.09 2.27
CA GLN A 18 0.54 -1.31 2.91
C GLN A 18 0.33 -2.55 2.06
N LEU A 19 -0.87 -2.65 1.55
CA LEU A 19 -1.21 -3.82 0.72
C LEU A 19 -0.72 -3.58 -0.69
N LEU A 20 -0.68 -2.35 -1.11
CA LEU A 20 -0.19 -2.09 -2.49
C LEU A 20 1.31 -2.40 -2.41
N PHE A 21 1.89 -2.36 -1.22
CA PHE A 21 3.35 -2.64 -1.14
C PHE A 21 3.64 -4.06 -1.59
N ILE A 22 2.66 -4.89 -1.38
CA ILE A 22 2.81 -6.32 -1.77
C ILE A 22 3.16 -6.46 -3.26
N HIS A 23 2.57 -5.68 -4.11
CA HIS A 23 2.88 -5.80 -5.56
C HIS A 23 4.39 -5.60 -5.76
N PHE A 24 4.99 -4.92 -4.82
CA PHE A 24 6.46 -4.65 -4.91
C PHE A 24 7.25 -5.77 -4.27
N ARG A 25 6.57 -6.54 -3.49
CA ARG A 25 7.24 -7.67 -2.81
C ARG A 25 6.99 -8.93 -3.63
N ILE A 26 6.06 -8.76 -4.52
CA ILE A 26 5.64 -9.83 -5.46
C ILE A 26 6.29 -9.58 -6.84
N GLY A 27 5.99 -8.44 -7.41
CA GLY A 27 6.54 -8.08 -8.75
C GLY A 27 8.05 -7.95 -8.73
N CYS A 28 8.54 -6.94 -8.06
CA CYS A 28 10.02 -6.75 -8.01
C CYS A 28 10.73 -8.02 -7.55
N ARG A 29 10.11 -8.75 -6.66
CA ARG A 29 10.75 -10.00 -6.16
C ARG A 29 10.65 -11.15 -7.17
N HIS A 30 9.62 -11.15 -7.98
CA HIS A 30 9.43 -12.23 -9.01
C HIS A 30 10.75 -12.68 -9.66
N SER A 31 11.51 -11.69 -10.02
CA SER A 31 12.86 -11.79 -10.67
C SER A 31 12.83 -10.78 -11.82
N ARG A 32 13.79 -9.88 -11.79
CA ARG A 32 13.94 -8.81 -12.84
C ARG A 32 15.21 -8.01 -12.47
N ILE A 33 16.34 -8.64 -12.61
CA ILE A 33 17.66 -7.98 -12.30
C ILE A 33 18.54 -8.05 -13.55
N GLY A 34 19.38 -7.07 -13.73
CA GLY A 34 20.28 -7.06 -14.93
C GLY A 34 19.48 -6.79 -16.20
N NH2 A 35 18.56 -7.63 -16.58
HN1 NH2 A 35 18.39 -8.44 -16.06
HN2 NH2 A 35 18.06 -7.44 -17.40
C ACE A 1 -15.25 14.75 13.21
O ACE A 1 -14.87 13.91 12.42
CH3 ACE A 1 -16.29 15.79 12.78
H1 ACE A 1 -16.26 16.63 13.44
H2 ACE A 1 -17.28 15.34 12.82
H3 ACE A 1 -16.07 16.10 11.77
N TYR A 2 -14.82 14.83 14.44
CA TYR A 2 -13.80 13.87 15.00
C TYR A 2 -12.61 13.57 14.06
N GLY A 3 -12.25 14.55 13.27
CA GLY A 3 -11.09 14.38 12.32
C GLY A 3 -11.34 13.26 11.28
N ASP A 4 -12.58 12.84 11.19
CA ASP A 4 -12.97 11.76 10.24
C ASP A 4 -12.28 11.86 8.89
N THR A 5 -12.27 13.04 8.33
CA THR A 5 -11.61 13.24 7.01
C THR A 5 -10.12 12.93 7.05
N TRP A 6 -9.47 13.24 8.15
CA TRP A 6 -8.00 12.95 8.21
C TRP A 6 -7.79 11.52 8.61
N ALA A 7 -8.36 11.14 9.70
CA ALA A 7 -8.19 9.73 10.17
C ALA A 7 -8.74 8.77 9.12
N GLY A 8 -9.96 9.06 8.73
CA GLY A 8 -10.66 8.22 7.73
C GLY A 8 -9.86 8.08 6.45
N VAL A 9 -9.24 9.15 6.02
CA VAL A 9 -8.44 9.07 4.76
C VAL A 9 -7.07 8.55 5.00
N GLU A 10 -6.50 8.91 6.09
CA GLU A 10 -5.12 8.42 6.38
C GLU A 10 -5.25 6.91 6.53
N ALA A 11 -6.40 6.53 7.01
CA ALA A 11 -6.68 5.08 7.23
C ALA A 11 -6.87 4.34 5.91
N ILE A 12 -7.48 5.00 4.96
CA ILE A 12 -7.69 4.28 3.66
C ILE A 12 -6.41 4.39 2.87
N ILE A 13 -5.75 5.50 3.07
CA ILE A 13 -4.48 5.70 2.35
C ILE A 13 -3.38 4.81 2.93
N ARG A 14 -3.45 4.56 4.21
CA ARG A 14 -2.43 3.72 4.88
C ARG A 14 -2.23 2.38 4.23
N ILE A 15 -3.30 1.65 4.19
CA ILE A 15 -3.25 0.30 3.59
C ILE A 15 -3.25 0.32 2.06
N LEU A 16 -3.81 1.31 1.45
CA LEU A 16 -3.82 1.34 -0.02
C LEU A 16 -2.42 1.62 -0.49
N GLN A 17 -1.67 2.31 0.32
CA GLN A 17 -0.29 2.61 -0.11
C GLN A 17 0.59 1.48 0.38
N GLN A 18 0.49 1.23 1.65
CA GLN A 18 1.33 0.16 2.24
C GLN A 18 1.09 -1.17 1.57
N LEU A 19 -0.12 -1.44 1.18
CA LEU A 19 -0.36 -2.75 0.53
C LEU A 19 -0.03 -2.72 -0.95
N LEU A 20 -0.20 -1.57 -1.53
CA LEU A 20 0.09 -1.42 -2.97
C LEU A 20 1.61 -1.58 -3.06
N PHE A 21 2.28 -1.34 -1.95
CA PHE A 21 3.75 -1.47 -1.98
C PHE A 21 4.08 -2.95 -2.12
N ILE A 22 3.40 -3.72 -1.32
CA ILE A 22 3.61 -5.20 -1.31
C ILE A 22 3.56 -5.78 -2.70
N HIS A 23 2.64 -5.35 -3.50
CA HIS A 23 2.52 -5.86 -4.90
C HIS A 23 3.90 -5.80 -5.60
N PHE A 24 4.58 -4.71 -5.35
CA PHE A 24 5.93 -4.49 -5.96
C PHE A 24 6.96 -5.47 -5.46
N ARG A 25 6.71 -5.89 -4.27
CA ARG A 25 7.60 -6.83 -3.57
C ARG A 25 7.29 -8.20 -4.14
N ILE A 26 6.02 -8.43 -4.23
CA ILE A 26 5.49 -9.69 -4.76
C ILE A 26 6.07 -9.88 -6.17
N GLY A 27 5.89 -8.88 -6.99
CA GLY A 27 6.41 -8.95 -8.39
C GLY A 27 7.93 -9.10 -8.42
N CYS A 28 8.61 -8.17 -7.80
CA CYS A 28 10.11 -8.23 -7.78
C CYS A 28 10.68 -9.51 -7.14
N ARG A 29 10.01 -9.97 -6.12
CA ARG A 29 10.45 -11.20 -5.39
C ARG A 29 9.98 -12.50 -6.06
N HIS A 30 8.86 -12.43 -6.74
CA HIS A 30 8.28 -13.63 -7.44
C HIS A 30 9.30 -14.58 -8.05
N SER A 31 10.29 -14.05 -8.71
CA SER A 31 11.34 -14.90 -9.35
C SER A 31 10.81 -16.04 -10.25
N ARG A 32 9.82 -15.71 -11.03
CA ARG A 32 9.17 -16.67 -12.00
C ARG A 32 8.63 -18.02 -11.43
N ILE A 33 7.64 -17.97 -10.57
CA ILE A 33 7.11 -19.27 -10.03
C ILE A 33 6.04 -19.76 -11.03
N GLY A 34 6.07 -21.04 -11.35
CA GLY A 34 5.09 -21.61 -12.30
C GLY A 34 5.39 -23.10 -12.34
N NH2 A 35 4.73 -23.85 -13.15
HN1 NH2 A 35 4.05 -23.46 -13.73
HN2 NH2 A 35 4.92 -24.82 -13.19
C ACE A 1 -13.74 15.21 16.20
O ACE A 1 -13.84 16.32 15.71
CH3 ACE A 1 -14.97 14.49 16.76
H1 ACE A 1 -15.57 15.21 17.30
H2 ACE A 1 -14.67 13.69 17.40
H3 ACE A 1 -15.54 14.10 15.93
N TYR A 2 -12.59 14.57 16.31
CA TYR A 2 -11.32 15.19 15.80
C TYR A 2 -10.81 14.52 14.51
N GLY A 3 -11.14 13.27 14.36
CA GLY A 3 -10.71 12.49 13.17
C GLY A 3 -11.92 12.12 12.33
N ASP A 4 -11.98 12.64 11.13
CA ASP A 4 -13.15 12.32 10.24
C ASP A 4 -12.55 12.03 8.86
N THR A 5 -12.93 12.77 7.84
CA THR A 5 -12.40 12.54 6.47
C THR A 5 -10.87 12.37 6.41
N TRP A 6 -10.14 13.18 7.14
CA TRP A 6 -8.65 13.08 7.11
C TRP A 6 -8.16 11.81 7.79
N ALA A 7 -8.73 11.51 8.92
CA ALA A 7 -8.28 10.28 9.62
C ALA A 7 -8.67 9.11 8.73
N GLY A 8 -9.85 9.23 8.19
CA GLY A 8 -10.38 8.17 7.29
C GLY A 8 -9.47 7.97 6.08
N VAL A 9 -9.09 9.06 5.47
CA VAL A 9 -8.21 8.90 4.28
C VAL A 9 -6.82 8.49 4.71
N GLU A 10 -6.42 8.97 5.85
CA GLU A 10 -5.06 8.64 6.36
C GLU A 10 -5.05 7.16 6.75
N ALA A 11 -6.22 6.73 7.08
CA ALA A 11 -6.44 5.32 7.51
C ALA A 11 -6.53 4.42 6.29
N ILE A 12 -7.26 4.85 5.30
CA ILE A 12 -7.35 3.95 4.10
C ILE A 12 -6.02 4.05 3.40
N ILE A 13 -5.41 5.20 3.56
CA ILE A 13 -4.11 5.38 2.91
C ILE A 13 -3.10 4.42 3.56
N ARG A 14 -3.41 4.04 4.77
CA ARG A 14 -2.50 3.13 5.53
C ARG A 14 -2.43 1.70 5.05
N ILE A 15 -3.48 1.21 4.48
CA ILE A 15 -3.40 -0.20 4.01
C ILE A 15 -3.18 -0.20 2.50
N LEU A 16 -3.55 0.89 1.87
CA LEU A 16 -3.44 1.06 0.42
C LEU A 16 -2.02 1.36 -0.02
N GLN A 17 -1.41 2.31 0.62
CA GLN A 17 -0.01 2.65 0.23
C GLN A 17 0.87 1.50 0.64
N GLN A 18 0.51 0.96 1.77
CA GLN A 18 1.28 -0.17 2.32
C GLN A 18 1.12 -1.39 1.39
N LEU A 19 -0.09 -1.76 1.06
CA LEU A 19 -0.25 -2.94 0.15
C LEU A 19 0.26 -2.61 -1.24
N LEU A 20 0.18 -1.36 -1.59
CA LEU A 20 0.66 -0.94 -2.92
C LEU A 20 2.19 -1.07 -2.85
N PHE A 21 2.71 -1.08 -1.65
CA PHE A 21 4.19 -1.19 -1.52
C PHE A 21 4.52 -2.65 -1.67
N ILE A 22 3.81 -3.41 -0.88
CA ILE A 22 3.99 -4.88 -0.87
C ILE A 22 3.85 -5.42 -2.29
N HIS A 23 2.89 -4.93 -3.02
CA HIS A 23 2.68 -5.37 -4.43
C HIS A 23 4.02 -5.36 -5.21
N PHE A 24 4.75 -4.29 -5.01
CA PHE A 24 6.06 -4.11 -5.69
C PHE A 24 7.10 -5.15 -5.29
N ARG A 25 6.85 -5.67 -4.14
CA ARG A 25 7.74 -6.70 -3.56
C ARG A 25 7.29 -8.02 -4.13
N ILE A 26 6.00 -8.17 -4.09
CA ILE A 26 5.34 -9.39 -4.60
C ILE A 26 5.78 -9.58 -6.06
N GLY A 27 5.69 -8.53 -6.82
CA GLY A 27 6.08 -8.59 -8.26
C GLY A 27 7.52 -9.07 -8.45
N CYS A 28 8.45 -8.31 -7.94
CA CYS A 28 9.90 -8.69 -8.07
C CYS A 28 10.16 -10.08 -7.50
N ARG A 29 9.56 -10.39 -6.39
CA ARG A 29 9.78 -11.75 -5.82
C ARG A 29 9.07 -12.79 -6.68
N HIS A 30 8.03 -12.40 -7.37
CA HIS A 30 7.33 -13.40 -8.23
C HIS A 30 8.20 -13.67 -9.45
N SER A 31 8.43 -12.67 -10.27
CA SER A 31 9.28 -12.87 -11.50
C SER A 31 9.23 -11.68 -12.48
N ARG A 32 10.14 -10.74 -12.33
CA ARG A 32 10.16 -9.57 -13.26
C ARG A 32 11.46 -9.52 -14.09
N ILE A 33 12.01 -10.68 -14.31
CA ILE A 33 13.28 -10.76 -15.11
C ILE A 33 12.85 -10.88 -16.58
N GLY A 34 12.46 -9.76 -17.13
CA GLY A 34 12.01 -9.70 -18.55
C GLY A 34 10.62 -10.33 -18.61
N NH2 A 35 10.47 -11.59 -18.32
HN1 NH2 A 35 11.25 -12.12 -18.07
HN2 NH2 A 35 9.57 -11.99 -18.35
C ACE A 1 -15.57 16.88 12.93
O ACE A 1 -15.70 15.75 13.39
CH3 ACE A 1 -16.51 17.39 11.84
H1 ACE A 1 -17.37 16.75 11.79
H2 ACE A 1 -16.00 17.35 10.88
H3 ACE A 1 -16.81 18.40 12.06
N TYR A 2 -14.64 17.70 13.32
CA TYR A 2 -13.63 17.37 14.39
C TYR A 2 -12.56 16.39 13.91
N GLY A 3 -12.96 15.37 13.22
CA GLY A 3 -11.99 14.35 12.70
C GLY A 3 -12.69 13.29 11.88
N ASP A 4 -12.87 13.56 10.61
CA ASP A 4 -13.56 12.57 9.73
C ASP A 4 -12.66 12.25 8.53
N THR A 5 -13.08 12.61 7.35
CA THR A 5 -12.33 12.37 6.08
C THR A 5 -10.80 12.43 6.19
N TRP A 6 -10.27 13.30 7.02
CA TRP A 6 -8.80 13.39 7.14
C TRP A 6 -8.30 12.09 7.73
N ALA A 7 -8.90 11.78 8.83
CA ALA A 7 -8.50 10.54 9.54
C ALA A 7 -8.92 9.35 8.69
N GLY A 8 -10.15 9.37 8.24
CA GLY A 8 -10.68 8.26 7.40
C GLY A 8 -9.75 7.95 6.23
N VAL A 9 -9.31 9.00 5.59
CA VAL A 9 -8.39 8.81 4.43
C VAL A 9 -6.97 8.57 4.89
N GLU A 10 -6.58 9.15 5.98
CA GLU A 10 -5.18 8.94 6.44
C GLU A 10 -5.11 7.50 6.95
N ALA A 11 -6.24 6.98 7.28
CA ALA A 11 -6.33 5.58 7.79
C ALA A 11 -6.31 4.59 6.62
N ILE A 12 -6.94 4.96 5.54
CA ILE A 12 -6.94 3.99 4.40
C ILE A 12 -5.61 4.17 3.71
N ILE A 13 -5.15 5.38 3.74
CA ILE A 13 -3.84 5.67 3.10
C ILE A 13 -2.80 4.68 3.64
N ARG A 14 -3.02 4.26 4.86
CA ARG A 14 -2.05 3.31 5.47
C ARG A 14 -1.99 1.95 4.83
N ILE A 15 -3.13 1.34 4.71
CA ILE A 15 -3.14 -0.02 4.10
C ILE A 15 -3.03 0.05 2.59
N LEU A 16 -3.49 1.11 2.01
CA LEU A 16 -3.44 1.28 0.55
C LEU A 16 -2.00 1.41 0.16
N GLN A 17 -1.26 2.09 0.99
CA GLN A 17 0.17 2.27 0.66
C GLN A 17 0.85 0.95 0.96
N GLN A 18 0.62 0.47 2.15
CA GLN A 18 1.26 -0.82 2.55
C GLN A 18 1.04 -1.91 1.50
N LEU A 19 -0.17 -1.99 1.05
CA LEU A 19 -0.49 -3.02 0.03
C LEU A 19 0.01 -2.64 -1.34
N LEU A 20 0.01 -1.35 -1.59
CA LEU A 20 0.50 -0.89 -2.91
C LEU A 20 2.00 -1.25 -2.85
N PHE A 21 2.53 -1.33 -1.65
CA PHE A 21 3.97 -1.67 -1.52
C PHE A 21 4.08 -3.16 -1.81
N ILE A 22 3.28 -3.93 -1.12
CA ILE A 22 3.30 -5.43 -1.33
C ILE A 22 3.38 -5.79 -2.82
N HIS A 23 2.57 -5.16 -3.63
CA HIS A 23 2.56 -5.43 -5.10
C HIS A 23 3.98 -5.47 -5.68
N PHE A 24 4.73 -4.48 -5.31
CA PHE A 24 6.14 -4.32 -5.79
C PHE A 24 7.05 -5.44 -5.32
N ARG A 25 6.61 -6.06 -4.28
CA ARG A 25 7.37 -7.17 -3.65
C ARG A 25 6.90 -8.41 -4.36
N ILE A 26 5.62 -8.47 -4.52
CA ILE A 26 5.00 -9.62 -5.21
C ILE A 26 5.60 -9.61 -6.63
N GLY A 27 5.82 -8.43 -7.13
CA GLY A 27 6.41 -8.29 -8.48
C GLY A 27 7.88 -8.67 -8.43
N CYS A 28 8.70 -7.81 -7.86
CA CYS A 28 10.17 -8.10 -7.77
C CYS A 28 10.55 -9.50 -7.23
N ARG A 29 9.78 -9.97 -6.29
CA ARG A 29 10.08 -11.32 -5.69
C ARG A 29 9.43 -12.49 -6.45
N HIS A 30 8.48 -12.22 -7.31
CA HIS A 30 7.83 -13.34 -8.08
C HIS A 30 8.82 -14.29 -8.75
N SER A 31 9.74 -13.74 -9.51
CA SER A 31 10.77 -14.53 -10.23
C SER A 31 11.48 -13.57 -11.18
N ARG A 32 12.67 -13.98 -11.46
CA ARG A 32 13.60 -13.24 -12.38
C ARG A 32 14.23 -14.32 -13.28
N ILE A 33 13.47 -15.36 -13.51
CA ILE A 33 13.90 -16.53 -14.36
C ILE A 33 15.36 -17.01 -14.13
N GLY A 34 16.17 -17.05 -15.15
CA GLY A 34 17.58 -17.49 -15.00
C GLY A 34 18.09 -17.69 -16.42
N NH2 A 35 19.15 -18.41 -16.63
HN1 NH2 A 35 19.60 -18.81 -15.87
HN2 NH2 A 35 19.47 -18.54 -17.55
C ACE A 1 -8.98 12.35 17.63
O ACE A 1 -7.87 12.55 17.18
CH3 ACE A 1 -9.36 10.98 18.20
H1 ACE A 1 -8.49 10.55 18.68
H2 ACE A 1 -9.66 10.33 17.39
H3 ACE A 1 -10.15 11.08 18.92
N TYR A 2 -9.92 13.27 17.67
CA TYR A 2 -9.69 14.66 17.15
C TYR A 2 -9.29 14.60 15.65
N GLY A 3 -9.62 13.50 15.04
CA GLY A 3 -9.32 13.28 13.60
C GLY A 3 -10.65 12.99 12.92
N ASP A 4 -10.83 13.52 11.74
CA ASP A 4 -12.10 13.28 11.00
C ASP A 4 -11.74 12.89 9.55
N THR A 5 -11.82 13.77 8.60
CA THR A 5 -11.47 13.43 7.19
C THR A 5 -10.01 12.99 7.03
N TRP A 6 -9.15 13.79 7.60
CA TRP A 6 -7.67 13.56 7.57
C TRP A 6 -7.38 12.12 7.94
N ALA A 7 -7.73 11.80 9.16
CA ALA A 7 -7.50 10.43 9.66
C ALA A 7 -8.37 9.46 8.86
N GLY A 8 -9.57 9.90 8.60
CA GLY A 8 -10.52 9.05 7.83
C GLY A 8 -9.88 8.56 6.53
N VAL A 9 -9.11 9.44 5.93
CA VAL A 9 -8.44 9.06 4.65
C VAL A 9 -7.08 8.48 4.89
N GLU A 10 -6.35 9.02 5.80
CA GLU A 10 -5.00 8.46 6.05
C GLU A 10 -5.16 7.00 6.44
N ALA A 11 -6.27 6.73 7.04
CA ALA A 11 -6.56 5.33 7.48
C ALA A 11 -7.02 4.46 6.32
N ILE A 12 -7.67 5.04 5.34
CA ILE A 12 -8.12 4.16 4.22
C ILE A 12 -7.04 4.09 3.16
N ILE A 13 -6.26 5.13 3.12
CA ILE A 13 -5.17 5.18 2.14
C ILE A 13 -3.95 4.47 2.71
N ARG A 14 -3.79 4.49 4.00
CA ARG A 14 -2.60 3.81 4.58
C ARG A 14 -2.51 2.36 4.19
N ILE A 15 -3.50 1.63 4.58
CA ILE A 15 -3.50 0.17 4.26
C ILE A 15 -3.45 -0.12 2.77
N LEU A 16 -4.01 0.78 2.00
CA LEU A 16 -4.06 0.65 0.53
C LEU A 16 -2.70 0.90 -0.01
N GLN A 17 -1.98 1.75 0.66
CA GLN A 17 -0.61 2.01 0.15
C GLN A 17 0.20 0.82 0.61
N GLN A 18 0.04 0.50 1.85
CA GLN A 18 0.78 -0.63 2.46
C GLN A 18 0.67 -1.90 1.62
N LEU A 19 -0.54 -2.22 1.29
CA LEU A 19 -0.77 -3.44 0.47
C LEU A 19 -0.36 -3.24 -0.97
N LEU A 20 -0.47 -2.02 -1.43
CA LEU A 20 -0.09 -1.76 -2.82
C LEU A 20 1.45 -1.89 -2.80
N PHE A 21 2.02 -1.71 -1.63
CA PHE A 21 3.50 -1.82 -1.55
C PHE A 21 3.83 -3.30 -1.79
N ILE A 22 3.14 -4.13 -1.05
CA ILE A 22 3.35 -5.62 -1.17
C ILE A 22 3.48 -6.05 -2.64
N HIS A 23 2.62 -5.56 -3.48
CA HIS A 23 2.66 -5.91 -4.94
C HIS A 23 4.07 -5.72 -5.53
N PHE A 24 4.64 -4.61 -5.20
CA PHE A 24 6.02 -4.26 -5.71
C PHE A 24 7.07 -5.25 -5.25
N ARG A 25 6.78 -5.74 -4.10
CA ARG A 25 7.68 -6.71 -3.44
C ARG A 25 7.46 -8.02 -4.15
N ILE A 26 6.21 -8.32 -4.32
CA ILE A 26 5.78 -9.56 -5.00
C ILE A 26 6.43 -9.64 -6.40
N GLY A 27 6.27 -8.59 -7.18
CA GLY A 27 6.84 -8.59 -8.56
C GLY A 27 8.36 -8.79 -8.56
N CYS A 28 9.05 -7.92 -7.87
CA CYS A 28 10.55 -8.06 -7.82
C CYS A 28 10.93 -9.46 -7.32
N ARG A 29 10.34 -9.80 -6.22
CA ARG A 29 10.60 -11.13 -5.58
C ARG A 29 10.19 -12.27 -6.52
N HIS A 30 9.24 -12.00 -7.38
CA HIS A 30 8.77 -13.05 -8.34
C HIS A 30 9.86 -13.31 -9.38
N SER A 31 10.67 -12.31 -9.60
CA SER A 31 11.81 -12.37 -10.58
C SER A 31 11.23 -12.06 -11.99
N ARG A 32 10.95 -10.81 -12.21
CA ARG A 32 10.39 -10.39 -13.54
C ARG A 32 11.42 -9.56 -14.33
N ILE A 33 12.39 -10.24 -14.89
CA ILE A 33 13.45 -9.56 -15.69
C ILE A 33 13.76 -10.40 -16.94
N GLY A 34 14.48 -9.82 -17.86
CA GLY A 34 14.84 -10.55 -19.12
C GLY A 34 15.80 -9.72 -19.95
N NH2 A 35 17.07 -9.70 -19.67
HN1 NH2 A 35 17.42 -10.23 -18.92
HN2 NH2 A 35 17.67 -9.16 -20.22
C ACE A 1 -15.70 12.14 15.58
O ACE A 1 -15.20 11.10 15.19
CH3 ACE A 1 -15.46 12.62 17.00
H1 ACE A 1 -15.07 13.62 16.99
H2 ACE A 1 -14.74 11.96 17.48
H3 ACE A 1 -16.39 12.59 17.55
N TYR A 2 -16.45 12.90 14.84
CA TYR A 2 -16.77 12.53 13.43
C TYR A 2 -15.56 12.74 12.49
N GLY A 3 -14.42 12.24 12.88
CA GLY A 3 -13.18 12.37 12.04
C GLY A 3 -13.37 11.43 10.87
N ASP A 4 -14.14 11.85 9.91
CA ASP A 4 -14.39 11.00 8.71
C ASP A 4 -13.38 11.20 7.58
N THR A 5 -13.44 12.27 6.84
CA THR A 5 -12.49 12.51 5.71
C THR A 5 -10.99 12.36 5.99
N TRP A 6 -10.46 13.13 6.89
CA TRP A 6 -9.00 13.03 7.18
C TRP A 6 -8.61 11.71 7.76
N ALA A 7 -9.15 11.40 8.89
CA ALA A 7 -8.79 10.11 9.54
C ALA A 7 -9.18 8.97 8.63
N GLY A 8 -10.30 9.11 7.99
CA GLY A 8 -10.76 8.03 7.08
C GLY A 8 -9.78 7.83 5.95
N VAL A 9 -9.28 8.91 5.43
CA VAL A 9 -8.31 8.81 4.29
C VAL A 9 -6.93 8.49 4.79
N GLU A 10 -6.62 9.00 5.93
CA GLU A 10 -5.28 8.76 6.52
C GLU A 10 -5.23 7.30 6.96
N ALA A 11 -6.39 6.75 7.18
CA ALA A 11 -6.50 5.33 7.61
C ALA A 11 -6.43 4.40 6.41
N ILE A 12 -7.02 4.81 5.32
CA ILE A 12 -6.99 3.92 4.12
C ILE A 12 -5.62 4.11 3.52
N ILE A 13 -5.13 5.31 3.65
CA ILE A 13 -3.78 5.61 3.10
C ILE A 13 -2.75 4.64 3.72
N ARG A 14 -3.06 4.14 4.88
CA ARG A 14 -2.10 3.21 5.56
C ARG A 14 -1.90 1.89 4.84
N ILE A 15 -2.99 1.26 4.58
CA ILE A 15 -2.91 -0.06 3.88
C ILE A 15 -2.75 0.15 2.39
N LEU A 16 -3.24 1.24 1.88
CA LEU A 16 -3.13 1.51 0.44
C LEU A 16 -1.70 1.80 0.12
N GLN A 17 -1.01 2.35 1.07
CA GLN A 17 0.41 2.64 0.78
C GLN A 17 1.17 1.38 1.04
N GLN A 18 0.98 0.82 2.20
CA GLN A 18 1.71 -0.43 2.51
C GLN A 18 1.53 -1.53 1.48
N LEU A 19 0.32 -1.72 1.08
CA LEU A 19 0.03 -2.77 0.06
C LEU A 19 0.60 -2.32 -1.28
N LEU A 20 0.58 -1.02 -1.50
CA LEU A 20 1.14 -0.52 -2.76
C LEU A 20 2.64 -0.83 -2.65
N PHE A 21 3.12 -1.10 -1.46
CA PHE A 21 4.57 -1.41 -1.32
C PHE A 21 4.67 -2.92 -1.51
N ILE A 22 3.78 -3.65 -0.89
CA ILE A 22 3.83 -5.14 -1.03
C ILE A 22 3.69 -5.61 -2.48
N HIS A 23 2.89 -4.95 -3.29
CA HIS A 23 2.78 -5.42 -4.70
C HIS A 23 4.19 -5.41 -5.34
N PHE A 24 5.09 -4.65 -4.78
CA PHE A 24 6.46 -4.59 -5.35
C PHE A 24 7.32 -5.71 -4.76
N ARG A 25 6.84 -6.23 -3.68
CA ARG A 25 7.54 -7.34 -2.97
C ARG A 25 6.92 -8.64 -3.44
N ILE A 26 5.79 -8.46 -4.04
CA ILE A 26 5.02 -9.58 -4.61
C ILE A 26 5.41 -9.67 -6.10
N GLY A 27 5.09 -8.65 -6.84
CA GLY A 27 5.41 -8.63 -8.30
C GLY A 27 6.88 -8.90 -8.63
N CYS A 28 7.69 -7.93 -8.31
CA CYS A 28 9.16 -8.04 -8.57
C CYS A 28 9.80 -9.28 -7.94
N ARG A 29 9.07 -9.93 -7.07
CA ARG A 29 9.61 -11.14 -6.40
C ARG A 29 9.01 -12.42 -7.01
N HIS A 30 7.80 -12.31 -7.50
CA HIS A 30 7.14 -13.52 -8.10
C HIS A 30 7.91 -13.88 -9.37
N SER A 31 8.46 -12.85 -9.96
CA SER A 31 9.28 -12.95 -11.22
C SER A 31 8.39 -13.09 -12.46
N ARG A 32 8.30 -12.01 -13.19
CA ARG A 32 7.47 -12.01 -14.43
C ARG A 32 7.82 -13.11 -15.45
N ILE A 33 8.96 -13.74 -15.29
CA ILE A 33 9.35 -14.81 -16.27
C ILE A 33 8.63 -16.12 -15.87
N GLY A 34 7.33 -16.05 -15.82
CA GLY A 34 6.50 -17.23 -15.46
C GLY A 34 6.45 -18.21 -16.61
N NH2 A 35 7.54 -18.73 -17.06
HN1 NH2 A 35 8.40 -18.49 -16.65
HN2 NH2 A 35 7.51 -19.36 -17.81
C ACE A 1 -8.32 14.37 13.68
O ACE A 1 -7.90 14.67 12.58
CH3 ACE A 1 -8.13 12.95 14.22
H1 ACE A 1 -7.72 13.00 15.21
H2 ACE A 1 -7.45 12.42 13.57
H3 ACE A 1 -9.08 12.45 14.23
N TYR A 2 -8.94 15.19 14.50
CA TYR A 2 -9.23 16.62 14.17
C TYR A 2 -10.18 16.80 12.98
N GLY A 3 -9.70 16.47 11.82
CA GLY A 3 -10.50 16.59 10.56
C GLY A 3 -11.08 15.24 10.21
N ASP A 4 -12.20 14.92 10.79
CA ASP A 4 -12.90 13.61 10.54
C ASP A 4 -12.63 12.96 9.15
N THR A 5 -12.93 13.64 8.07
CA THR A 5 -12.70 13.05 6.72
C THR A 5 -11.19 12.74 6.51
N TRP A 6 -10.37 13.65 6.95
CA TRP A 6 -8.89 13.50 6.81
C TRP A 6 -8.46 12.28 7.57
N ALA A 7 -8.93 12.23 8.79
CA ALA A 7 -8.59 11.08 9.65
C ALA A 7 -9.03 9.80 8.93
N GLY A 8 -10.19 9.89 8.32
CA GLY A 8 -10.71 8.69 7.58
C GLY A 8 -9.77 8.34 6.43
N VAL A 9 -9.34 9.34 5.72
CA VAL A 9 -8.40 9.10 4.56
C VAL A 9 -7.04 8.65 5.04
N GLU A 10 -6.62 9.18 6.16
CA GLU A 10 -5.28 8.81 6.68
C GLU A 10 -5.34 7.34 7.12
N ALA A 11 -6.53 6.85 7.21
CA ALA A 11 -6.76 5.44 7.61
C ALA A 11 -6.85 4.55 6.38
N ILE A 12 -7.29 5.09 5.28
CA ILE A 12 -7.37 4.21 4.07
C ILE A 12 -6.02 4.28 3.41
N ILE A 13 -5.43 5.43 3.49
CA ILE A 13 -4.09 5.58 2.87
C ILE A 13 -3.06 4.65 3.55
N ARG A 14 -3.30 4.26 4.78
CA ARG A 14 -2.28 3.36 5.44
C ARG A 14 -2.20 1.96 4.87
N ILE A 15 -3.32 1.36 4.68
CA ILE A 15 -3.33 -0.02 4.13
C ILE A 15 -3.15 -0.04 2.62
N LEU A 16 -3.60 0.99 1.96
CA LEU A 16 -3.49 1.07 0.50
C LEU A 16 -2.05 1.30 0.16
N GLN A 17 -1.33 1.90 1.05
CA GLN A 17 0.09 2.14 0.74
C GLN A 17 0.81 0.86 1.11
N GLN A 18 0.62 0.43 2.32
CA GLN A 18 1.32 -0.81 2.76
C GLN A 18 1.08 -1.98 1.81
N LEU A 19 -0.10 -2.06 1.28
CA LEU A 19 -0.41 -3.17 0.35
C LEU A 19 0.11 -2.89 -1.06
N LEU A 20 0.09 -1.64 -1.41
CA LEU A 20 0.59 -1.24 -2.75
C LEU A 20 2.08 -1.52 -2.69
N PHE A 21 2.61 -1.57 -1.49
CA PHE A 21 4.07 -1.83 -1.39
C PHE A 21 4.30 -3.30 -1.71
N ILE A 22 3.50 -4.13 -1.09
CA ILE A 22 3.65 -5.61 -1.30
C ILE A 22 3.68 -5.96 -2.77
N HIS A 23 2.85 -5.33 -3.55
CA HIS A 23 2.82 -5.60 -5.03
C HIS A 23 4.25 -5.57 -5.60
N PHE A 24 5.03 -4.67 -5.08
CA PHE A 24 6.44 -4.50 -5.54
C PHE A 24 7.35 -5.58 -4.94
N ARG A 25 6.89 -6.11 -3.86
CA ARG A 25 7.65 -7.17 -3.13
C ARG A 25 7.29 -8.50 -3.76
N ILE A 26 6.14 -8.44 -4.36
CA ILE A 26 5.56 -9.60 -5.05
C ILE A 26 6.16 -9.62 -6.46
N GLY A 27 5.78 -8.68 -7.29
CA GLY A 27 6.29 -8.61 -8.70
C GLY A 27 7.73 -9.05 -8.92
N CYS A 28 8.63 -8.18 -8.56
CA CYS A 28 10.10 -8.46 -8.71
C CYS A 28 10.59 -9.74 -8.05
N ARG A 29 9.95 -10.11 -6.97
CA ARG A 29 10.38 -11.35 -6.26
C ARG A 29 9.76 -12.55 -6.98
N HIS A 30 8.67 -12.29 -7.65
CA HIS A 30 7.96 -13.36 -8.39
C HIS A 30 8.49 -13.58 -9.79
N SER A 31 8.28 -12.60 -10.64
CA SER A 31 8.74 -12.68 -12.06
C SER A 31 8.73 -11.27 -12.64
N ARG A 32 9.87 -10.76 -13.04
CA ARG A 32 9.87 -9.37 -13.63
C ARG A 32 11.12 -9.08 -14.48
N ILE A 33 12.24 -9.05 -13.85
CA ILE A 33 13.54 -8.78 -14.55
C ILE A 33 14.63 -9.64 -13.89
N GLY A 34 15.75 -9.78 -14.54
CA GLY A 34 16.88 -10.58 -14.00
C GLY A 34 18.10 -10.16 -14.82
N NH2 A 35 19.29 -10.32 -14.34
HN1 NH2 A 35 19.39 -10.72 -13.46
HN2 NH2 A 35 20.07 -10.04 -14.86
C ACE A 1 -13.03 16.41 15.11
O ACE A 1 -13.96 16.29 14.35
CH3 ACE A 1 -12.65 17.79 15.67
H1 ACE A 1 -11.76 18.15 15.16
H2 ACE A 1 -12.48 17.72 16.73
H3 ACE A 1 -13.48 18.47 15.49
N TYR A 2 -12.28 15.41 15.50
CA TYR A 2 -12.51 13.99 15.04
C TYR A 2 -12.88 13.91 13.54
N GLY A 3 -12.21 14.73 12.78
CA GLY A 3 -12.42 14.82 11.30
C GLY A 3 -12.25 13.51 10.51
N ASP A 4 -13.21 12.62 10.64
CA ASP A 4 -13.14 11.31 9.91
C ASP A 4 -12.77 11.49 8.43
N THR A 5 -13.20 12.54 7.81
CA THR A 5 -12.86 12.73 6.37
C THR A 5 -11.33 12.75 6.22
N TRP A 6 -10.67 13.28 7.21
CA TRP A 6 -9.18 13.35 7.16
C TRP A 6 -8.62 12.10 7.80
N ALA A 7 -9.04 11.85 9.00
CA ALA A 7 -8.56 10.68 9.77
C ALA A 7 -8.83 9.34 9.06
N GLY A 8 -10.03 9.19 8.58
CA GLY A 8 -10.40 7.93 7.88
C GLY A 8 -9.59 7.79 6.62
N VAL A 9 -9.44 8.89 5.94
CA VAL A 9 -8.65 8.84 4.67
C VAL A 9 -7.19 8.70 4.97
N GLU A 10 -6.75 9.29 6.03
CA GLU A 10 -5.31 9.21 6.40
C GLU A 10 -5.01 7.81 6.89
N ALA A 11 -6.06 7.15 7.29
CA ALA A 11 -5.96 5.76 7.79
C ALA A 11 -6.02 4.77 6.64
N ILE A 12 -6.88 5.07 5.69
CA ILE A 12 -6.96 4.11 4.54
C ILE A 12 -5.76 4.39 3.70
N ILE A 13 -5.33 5.62 3.70
CA ILE A 13 -4.14 5.96 2.90
C ILE A 13 -2.95 5.13 3.40
N ARG A 14 -3.02 4.69 4.63
CA ARG A 14 -1.86 3.90 5.13
C ARG A 14 -1.86 2.50 4.57
N ILE A 15 -2.98 1.85 4.72
CA ILE A 15 -3.07 0.46 4.19
C ILE A 15 -3.11 0.44 2.68
N LEU A 16 -3.62 1.46 2.06
CA LEU A 16 -3.68 1.48 0.59
C LEU A 16 -2.26 1.57 0.08
N GLN A 17 -1.43 2.22 0.85
CA GLN A 17 -0.03 2.34 0.41
C GLN A 17 0.69 1.05 0.79
N GLN A 18 0.59 0.73 2.04
CA GLN A 18 1.23 -0.50 2.58
C GLN A 18 0.90 -1.74 1.78
N LEU A 19 -0.32 -1.80 1.35
CA LEU A 19 -0.75 -2.97 0.55
C LEU A 19 -0.30 -2.77 -0.89
N LEU A 20 -0.37 -1.55 -1.35
CA LEU A 20 0.05 -1.29 -2.75
C LEU A 20 1.56 -1.55 -2.78
N PHE A 21 2.17 -1.63 -1.63
CA PHE A 21 3.65 -1.86 -1.63
C PHE A 21 3.86 -3.31 -2.04
N ILE A 22 2.96 -4.11 -1.54
CA ILE A 22 3.01 -5.58 -1.81
C ILE A 22 3.30 -5.85 -3.27
N HIS A 23 2.62 -5.17 -4.15
CA HIS A 23 2.84 -5.39 -5.61
C HIS A 23 4.35 -5.39 -5.94
N PHE A 24 5.02 -4.45 -5.35
CA PHE A 24 6.49 -4.30 -5.57
C PHE A 24 7.28 -5.47 -5.02
N ARG A 25 6.71 -6.03 -4.01
CA ARG A 25 7.33 -7.20 -3.33
C ARG A 25 7.05 -8.43 -4.17
N ILE A 26 5.86 -8.45 -4.68
CA ILE A 26 5.36 -9.56 -5.53
C ILE A 26 6.18 -9.60 -6.83
N GLY A 27 6.38 -8.47 -7.46
CA GLY A 27 7.17 -8.46 -8.73
C GLY A 27 8.56 -9.05 -8.44
N CYS A 28 9.22 -8.44 -7.49
CA CYS A 28 10.58 -8.92 -7.10
C CYS A 28 10.60 -10.42 -6.75
N ARG A 29 9.63 -10.88 -6.00
CA ARG A 29 9.62 -12.34 -5.64
C ARG A 29 9.28 -13.25 -6.84
N HIS A 30 8.80 -12.67 -7.90
CA HIS A 30 8.45 -13.53 -9.09
C HIS A 30 9.66 -13.88 -9.95
N SER A 31 10.47 -12.92 -10.28
CA SER A 31 11.69 -13.18 -11.14
C SER A 31 12.26 -11.88 -11.69
N ARG A 32 11.37 -11.08 -12.19
CA ARG A 32 11.75 -9.77 -12.79
C ARG A 32 12.93 -9.93 -13.77
N ILE A 33 12.70 -10.77 -14.76
CA ILE A 33 13.70 -11.09 -15.84
C ILE A 33 14.84 -11.97 -15.26
N GLY A 34 14.62 -12.54 -14.11
CA GLY A 34 15.67 -13.41 -13.47
C GLY A 34 15.50 -14.86 -13.92
N NH2 A 35 14.41 -15.20 -14.54
HN1 NH2 A 35 13.73 -14.52 -14.73
HN2 NH2 A 35 14.30 -16.12 -14.84
C ACE A 1 -8.59 19.13 13.66
O ACE A 1 -8.40 18.93 12.47
CH3 ACE A 1 -9.80 19.95 14.12
H1 ACE A 1 -9.50 20.64 14.89
H2 ACE A 1 -10.56 19.28 14.50
H3 ACE A 1 -10.19 20.50 13.27
N TYR A 2 -7.82 18.65 14.59
CA TYR A 2 -6.61 17.84 14.23
C TYR A 2 -6.98 16.39 13.92
N GLY A 3 -7.92 16.21 13.03
CA GLY A 3 -8.33 14.81 12.68
C GLY A 3 -9.77 14.71 12.18
N ASP A 4 -9.93 15.04 10.93
CA ASP A 4 -11.29 14.99 10.30
C ASP A 4 -11.12 14.09 9.05
N THR A 5 -11.39 14.60 7.88
CA THR A 5 -11.25 13.77 6.64
C THR A 5 -9.87 13.07 6.58
N TRP A 6 -8.88 13.73 7.11
CA TRP A 6 -7.49 13.18 7.10
C TRP A 6 -7.43 11.97 8.01
N ALA A 7 -8.15 12.04 9.09
CA ALA A 7 -8.16 10.89 10.03
C ALA A 7 -8.82 9.71 9.36
N GLY A 8 -9.82 10.02 8.58
CA GLY A 8 -10.54 8.91 7.87
C GLY A 8 -9.77 8.40 6.65
N VAL A 9 -9.25 9.34 5.92
CA VAL A 9 -8.48 9.03 4.69
C VAL A 9 -7.07 8.56 4.89
N GLU A 10 -6.40 9.07 5.86
CA GLU A 10 -4.99 8.60 6.08
C GLU A 10 -5.08 7.12 6.43
N ALA A 11 -6.16 6.84 7.08
CA ALA A 11 -6.46 5.47 7.55
C ALA A 11 -6.77 4.53 6.38
N ILE A 12 -7.47 5.03 5.40
CA ILE A 12 -7.78 4.11 4.26
C ILE A 12 -6.58 4.13 3.33
N ILE A 13 -5.94 5.25 3.27
CA ILE A 13 -4.78 5.30 2.38
C ILE A 13 -3.60 4.51 3.00
N ARG A 14 -3.55 4.44 4.30
CA ARG A 14 -2.40 3.69 4.91
C ARG A 14 -2.34 2.25 4.48
N ILE A 15 -3.41 1.55 4.72
CA ILE A 15 -3.44 0.11 4.34
C ILE A 15 -3.57 -0.12 2.84
N LEU A 16 -4.17 0.79 2.13
CA LEU A 16 -4.31 0.60 0.68
C LEU A 16 -2.94 0.72 0.05
N GLN A 17 -2.14 1.55 0.65
CA GLN A 17 -0.78 1.73 0.09
C GLN A 17 0.09 0.61 0.62
N GLN A 18 0.10 0.51 1.92
CA GLN A 18 0.92 -0.53 2.58
C GLN A 18 0.66 -1.91 2.00
N LEU A 19 -0.56 -2.16 1.67
CA LEU A 19 -0.86 -3.49 1.10
C LEU A 19 -0.60 -3.48 -0.39
N LEU A 20 -0.86 -2.38 -1.04
CA LEU A 20 -0.61 -2.32 -2.50
C LEU A 20 0.92 -2.46 -2.63
N PHE A 21 1.63 -2.12 -1.57
CA PHE A 21 3.10 -2.24 -1.67
C PHE A 21 3.45 -3.70 -1.98
N ILE A 22 2.65 -4.62 -1.46
CA ILE A 22 2.96 -6.07 -1.74
C ILE A 22 3.26 -6.30 -3.22
N HIS A 23 2.49 -5.68 -4.08
CA HIS A 23 2.69 -5.85 -5.54
C HIS A 23 4.15 -5.55 -5.93
N PHE A 24 4.68 -4.55 -5.29
CA PHE A 24 6.09 -4.14 -5.56
C PHE A 24 7.07 -5.10 -4.94
N ARG A 25 6.62 -5.73 -3.91
CA ARG A 25 7.51 -6.68 -3.22
C ARG A 25 7.44 -7.99 -4.00
N ILE A 26 6.33 -8.14 -4.67
CA ILE A 26 6.05 -9.33 -5.50
C ILE A 26 6.76 -9.24 -6.87
N GLY A 27 6.44 -8.22 -7.62
CA GLY A 27 7.06 -8.02 -8.98
C GLY A 27 8.59 -8.21 -8.96
N CYS A 28 9.15 -7.78 -7.86
CA CYS A 28 10.62 -7.88 -7.67
C CYS A 28 11.01 -9.32 -7.29
N ARG A 29 10.58 -9.74 -6.12
CA ARG A 29 10.89 -11.12 -5.63
C ARG A 29 10.54 -12.23 -6.60
N HIS A 30 9.34 -12.12 -7.11
CA HIS A 30 8.87 -13.15 -8.07
C HIS A 30 9.87 -13.41 -9.18
N SER A 31 10.12 -12.39 -9.95
CA SER A 31 11.08 -12.55 -11.07
C SER A 31 11.39 -11.21 -11.73
N ARG A 32 11.53 -10.19 -10.90
CA ARG A 32 11.83 -8.78 -11.36
C ARG A 32 11.19 -8.53 -12.75
N ILE A 33 9.89 -8.48 -12.76
CA ILE A 33 9.14 -8.25 -14.04
C ILE A 33 8.74 -6.79 -14.29
N GLY A 34 7.84 -6.59 -15.22
CA GLY A 34 7.35 -5.23 -15.56
C GLY A 34 8.10 -4.74 -16.79
N NH2 A 35 9.30 -4.24 -16.64
HN1 NH2 A 35 9.70 -4.19 -15.76
HN2 NH2 A 35 9.78 -3.93 -17.45
C ACE A 1 -13.16 19.42 14.12
O ACE A 1 -12.70 18.85 15.09
CH3 ACE A 1 -12.89 20.91 13.92
H1 ACE A 1 -11.84 21.11 14.09
H2 ACE A 1 -13.48 21.47 14.64
H3 ACE A 1 -13.17 21.22 12.93
N TYR A 2 -13.88 18.83 13.20
CA TYR A 2 -14.18 17.37 13.32
C TYR A 2 -13.02 16.48 12.88
N GLY A 3 -12.30 16.93 11.90
CA GLY A 3 -11.11 16.16 11.35
C GLY A 3 -11.35 14.75 10.81
N ASP A 4 -12.44 14.12 11.19
CA ASP A 4 -12.79 12.74 10.73
C ASP A 4 -12.40 12.40 9.28
N THR A 5 -12.68 13.29 8.37
CA THR A 5 -12.35 13.05 6.93
C THR A 5 -10.84 12.89 6.66
N TRP A 6 -10.04 13.50 7.50
CA TRP A 6 -8.56 13.42 7.34
C TRP A 6 -8.14 12.06 7.83
N ALA A 7 -8.29 11.92 9.10
CA ALA A 7 -7.92 10.66 9.80
C ALA A 7 -8.51 9.45 9.07
N GLY A 8 -9.80 9.50 8.90
CA GLY A 8 -10.52 8.39 8.22
C GLY A 8 -9.91 8.03 6.87
N VAL A 9 -9.34 9.00 6.22
CA VAL A 9 -8.72 8.72 4.88
C VAL A 9 -7.24 8.44 4.98
N GLU A 10 -6.57 9.00 5.94
CA GLU A 10 -5.10 8.73 6.04
C GLU A 10 -4.98 7.28 6.51
N ALA A 11 -5.98 6.89 7.25
CA ALA A 11 -6.04 5.51 7.81
C ALA A 11 -6.26 4.47 6.72
N ILE A 12 -7.05 4.82 5.74
CA ILE A 12 -7.27 3.81 4.65
C ILE A 12 -6.08 3.94 3.72
N ILE A 13 -5.68 5.17 3.56
CA ILE A 13 -4.52 5.45 2.68
C ILE A 13 -3.38 4.56 3.17
N ARG A 14 -3.23 4.55 4.48
CA ARG A 14 -2.16 3.73 5.14
C ARG A 14 -2.14 2.34 4.57
N ILE A 15 -3.29 1.85 4.28
CA ILE A 15 -3.41 0.49 3.72
C ILE A 15 -3.36 0.50 2.20
N LEU A 16 -3.75 1.57 1.59
CA LEU A 16 -3.71 1.57 0.10
C LEU A 16 -2.26 1.57 -0.34
N GLN A 17 -1.46 2.19 0.48
CA GLN A 17 -0.03 2.26 0.12
C GLN A 17 0.59 0.97 0.64
N GLN A 18 0.29 0.61 1.86
CA GLN A 18 0.90 -0.64 2.39
C GLN A 18 0.57 -1.79 1.43
N LEU A 19 -0.60 -1.73 0.88
CA LEU A 19 -1.00 -2.81 -0.06
C LEU A 19 -0.44 -2.56 -1.43
N LEU A 20 -0.39 -1.32 -1.83
CA LEU A 20 0.17 -1.01 -3.15
C LEU A 20 1.65 -1.38 -3.07
N PHE A 21 2.17 -1.50 -1.87
CA PHE A 21 3.62 -1.85 -1.77
C PHE A 21 3.78 -3.33 -2.09
N ILE A 22 2.79 -4.08 -1.72
CA ILE A 22 2.85 -5.55 -1.94
C ILE A 22 3.16 -5.96 -3.39
N HIS A 23 2.61 -5.31 -4.38
CA HIS A 23 2.95 -5.75 -5.78
C HIS A 23 4.48 -5.67 -5.95
N PHE A 24 5.12 -4.85 -5.16
CA PHE A 24 6.60 -4.72 -5.29
C PHE A 24 7.29 -5.80 -4.50
N ARG A 25 6.57 -6.35 -3.57
CA ARG A 25 7.13 -7.44 -2.71
C ARG A 25 6.84 -8.76 -3.38
N ILE A 26 5.90 -8.69 -4.28
CA ILE A 26 5.44 -9.84 -5.08
C ILE A 26 6.15 -9.89 -6.45
N GLY A 27 5.97 -8.88 -7.26
CA GLY A 27 6.62 -8.87 -8.61
C GLY A 27 8.13 -8.99 -8.52
N CYS A 28 8.72 -7.96 -7.99
CA CYS A 28 10.21 -7.93 -7.85
C CYS A 28 10.76 -9.11 -7.04
N ARG A 29 9.91 -9.82 -6.35
CA ARG A 29 10.41 -10.99 -5.57
C ARG A 29 10.10 -12.31 -6.29
N HIS A 30 9.22 -12.27 -7.26
CA HIS A 30 8.88 -13.53 -8.00
C HIS A 30 10.09 -14.27 -8.58
N SER A 31 10.66 -13.71 -9.62
CA SER A 31 11.83 -14.23 -10.36
C SER A 31 11.57 -13.62 -11.74
N ARG A 32 12.25 -14.11 -12.70
CA ARG A 32 12.11 -13.62 -14.10
C ARG A 32 10.84 -14.22 -14.74
N ILE A 33 9.72 -13.98 -14.13
CA ILE A 33 8.40 -14.51 -14.65
C ILE A 33 8.51 -16.00 -15.09
N GLY A 34 9.07 -16.79 -14.22
CA GLY A 34 9.22 -18.25 -14.53
C GLY A 34 8.88 -19.10 -13.31
N NH2 A 35 9.83 -19.53 -12.54
HN1 NH2 A 35 10.77 -19.33 -12.72
HN2 NH2 A 35 9.59 -20.08 -11.76
C ACE A 1 -10.80 16.53 16.06
O ACE A 1 -11.64 15.94 15.41
CH3 ACE A 1 -10.62 16.27 17.55
H1 ACE A 1 -11.36 15.54 17.87
H2 ACE A 1 -10.76 17.19 18.09
H3 ACE A 1 -9.63 15.87 17.72
N TYR A 2 -9.99 17.40 15.53
CA TYR A 2 -10.08 17.74 14.06
C TYR A 2 -9.42 16.65 13.19
N GLY A 3 -9.85 15.44 13.41
CA GLY A 3 -9.33 14.26 12.65
C GLY A 3 -10.52 13.60 11.97
N ASP A 4 -11.03 14.24 10.95
CA ASP A 4 -12.19 13.68 10.23
C ASP A 4 -11.72 13.04 8.91
N THR A 5 -12.25 13.48 7.81
CA THR A 5 -11.87 12.93 6.48
C THR A 5 -10.38 12.68 6.26
N TRP A 6 -9.52 13.52 6.79
CA TRP A 6 -8.07 13.25 6.55
C TRP A 6 -7.65 12.10 7.44
N ALA A 7 -8.17 12.10 8.64
CA ALA A 7 -7.79 11.00 9.56
C ALA A 7 -8.31 9.69 8.99
N GLY A 8 -9.49 9.75 8.46
CA GLY A 8 -10.10 8.51 7.87
C GLY A 8 -9.43 8.12 6.57
N VAL A 9 -9.19 9.07 5.71
CA VAL A 9 -8.54 8.72 4.41
C VAL A 9 -7.09 8.34 4.65
N GLU A 10 -6.49 8.95 5.63
CA GLU A 10 -5.06 8.62 5.91
C GLU A 10 -4.99 7.24 6.54
N ALA A 11 -6.10 6.85 7.08
CA ALA A 11 -6.23 5.52 7.74
C ALA A 11 -6.53 4.46 6.71
N ILE A 12 -7.37 4.79 5.76
CA ILE A 12 -7.70 3.74 4.74
C ILE A 12 -6.49 3.71 3.83
N ILE A 13 -5.90 4.87 3.68
CA ILE A 13 -4.70 4.94 2.82
C ILE A 13 -3.68 3.99 3.39
N ARG A 14 -3.61 3.92 4.69
CA ARG A 14 -2.59 3.01 5.29
C ARG A 14 -2.72 1.57 4.82
N ILE A 15 -3.89 1.20 4.40
CA ILE A 15 -4.08 -0.21 3.92
C ILE A 15 -3.91 -0.27 2.40
N LEU A 16 -3.78 0.89 1.80
CA LEU A 16 -3.62 0.95 0.33
C LEU A 16 -2.17 1.15 -0.01
N GLN A 17 -1.54 2.05 0.69
CA GLN A 17 -0.11 2.29 0.38
C GLN A 17 0.66 1.05 0.83
N GLN A 18 0.10 0.39 1.80
CA GLN A 18 0.75 -0.84 2.33
C GLN A 18 0.74 -1.90 1.23
N LEU A 19 -0.45 -2.25 0.84
CA LEU A 19 -0.57 -3.29 -0.22
C LEU A 19 0.07 -2.83 -1.53
N LEU A 20 0.01 -1.54 -1.76
CA LEU A 20 0.61 -1.01 -3.00
C LEU A 20 2.13 -1.13 -2.82
N PHE A 21 2.58 -1.39 -1.63
CA PHE A 21 4.04 -1.54 -1.40
C PHE A 21 4.32 -3.01 -1.57
N ILE A 22 3.47 -3.79 -0.95
CA ILE A 22 3.67 -5.26 -1.04
C ILE A 22 3.65 -5.73 -2.51
N HIS A 23 2.83 -5.15 -3.34
CA HIS A 23 2.82 -5.60 -4.77
C HIS A 23 4.23 -5.49 -5.36
N PHE A 24 5.06 -4.68 -4.74
CA PHE A 24 6.47 -4.47 -5.20
C PHE A 24 7.37 -5.55 -4.62
N ARG A 25 6.92 -6.08 -3.52
CA ARG A 25 7.68 -7.15 -2.83
C ARG A 25 7.22 -8.48 -3.38
N ILE A 26 6.08 -8.37 -4.00
CA ILE A 26 5.43 -9.53 -4.64
C ILE A 26 5.88 -9.65 -6.11
N GLY A 27 5.63 -8.64 -6.91
CA GLY A 27 6.02 -8.70 -8.36
C GLY A 27 7.51 -8.75 -8.66
N CYS A 28 8.20 -7.75 -8.17
CA CYS A 28 9.68 -7.66 -8.38
C CYS A 28 10.36 -8.92 -7.85
N ARG A 29 9.80 -9.45 -6.80
CA ARG A 29 10.39 -10.67 -6.20
C ARG A 29 9.88 -11.89 -6.96
N HIS A 30 8.63 -11.85 -7.35
CA HIS A 30 8.03 -13.00 -8.10
C HIS A 30 8.83 -13.26 -9.37
N SER A 31 9.16 -12.18 -10.02
CA SER A 31 9.95 -12.23 -11.30
C SER A 31 9.91 -11.00 -12.20
N ARG A 32 9.20 -9.96 -11.86
CA ARG A 32 9.18 -8.76 -12.79
C ARG A 32 10.62 -8.33 -13.16
N ILE A 33 11.50 -8.45 -12.22
CA ILE A 33 12.93 -8.06 -12.46
C ILE A 33 13.75 -9.34 -12.38
N GLY A 34 13.18 -10.36 -12.95
CA GLY A 34 13.82 -11.72 -12.97
C GLY A 34 13.54 -12.37 -11.64
N NH2 A 35 14.01 -11.80 -10.56
HN1 NH2 A 35 14.52 -10.96 -10.64
HN2 NH2 A 35 13.83 -12.20 -9.69
C ACE A 1 -13.07 18.41 14.44
O ACE A 1 -14.16 18.76 14.03
CH3 ACE A 1 -12.97 17.47 15.65
H1 ACE A 1 -12.53 16.54 15.35
H2 ACE A 1 -13.97 17.29 16.03
H3 ACE A 1 -12.37 17.94 16.42
N TYR A 2 -11.94 18.79 13.91
CA TYR A 2 -11.92 19.70 12.73
C TYR A 2 -11.03 19.04 11.65
N GLY A 3 -11.55 18.00 11.07
CA GLY A 3 -10.78 17.28 9.99
C GLY A 3 -11.13 15.79 9.88
N ASP A 4 -12.34 15.46 10.25
CA ASP A 4 -12.80 14.03 10.20
C ASP A 4 -12.37 13.32 8.91
N THR A 5 -12.75 13.86 7.79
CA THR A 5 -12.38 13.24 6.48
C THR A 5 -10.87 13.03 6.32
N TRP A 6 -10.08 13.90 6.91
CA TRP A 6 -8.60 13.75 6.77
C TRP A 6 -8.23 12.46 7.47
N ALA A 7 -8.57 12.46 8.73
CA ALA A 7 -8.27 11.28 9.56
C ALA A 7 -8.79 10.03 8.84
N GLY A 8 -10.01 10.13 8.41
CA GLY A 8 -10.64 8.98 7.69
C GLY A 8 -9.79 8.56 6.49
N VAL A 9 -9.22 9.52 5.82
CA VAL A 9 -8.38 9.18 4.62
C VAL A 9 -6.99 8.69 4.94
N GLU A 10 -6.37 9.16 5.98
CA GLU A 10 -4.98 8.64 6.22
C GLU A 10 -5.12 7.15 6.54
N ALA A 11 -6.25 6.87 7.12
CA ALA A 11 -6.57 5.49 7.53
C ALA A 11 -6.77 4.60 6.31
N ILE A 12 -7.34 5.15 5.26
CA ILE A 12 -7.53 4.26 4.07
C ILE A 12 -6.24 4.27 3.29
N ILE A 13 -5.65 5.42 3.26
CA ILE A 13 -4.38 5.52 2.51
C ILE A 13 -3.29 4.65 3.19
N ARG A 14 -3.38 4.50 4.49
CA ARG A 14 -2.34 3.69 5.18
C ARG A 14 -2.31 2.24 4.77
N ILE A 15 -3.43 1.61 4.87
CA ILE A 15 -3.46 0.17 4.49
C ILE A 15 -3.41 -0.05 2.99
N LEU A 16 -3.90 0.88 2.23
CA LEU A 16 -3.88 0.74 0.76
C LEU A 16 -2.45 0.84 0.30
N GLN A 17 -1.67 1.58 1.02
CA GLN A 17 -0.26 1.70 0.61
C GLN A 17 0.45 0.47 1.15
N GLN A 18 0.28 0.25 2.43
CA GLN A 18 0.95 -0.92 3.07
C GLN A 18 0.70 -2.23 2.32
N LEU A 19 -0.49 -2.36 1.82
CA LEU A 19 -0.83 -3.60 1.07
C LEU A 19 -0.38 -3.49 -0.39
N LEU A 20 -0.44 -2.30 -0.90
CA LEU A 20 -0.02 -2.11 -2.31
C LEU A 20 1.52 -2.24 -2.28
N PHE A 21 2.08 -2.17 -1.09
CA PHE A 21 3.57 -2.30 -1.05
C PHE A 21 3.94 -3.70 -1.47
N ILE A 22 3.10 -4.61 -1.05
CA ILE A 22 3.36 -6.06 -1.37
C ILE A 22 3.66 -6.27 -2.86
N HIS A 23 2.86 -5.68 -3.70
CA HIS A 23 3.05 -5.79 -5.18
C HIS A 23 4.49 -5.44 -5.58
N PHE A 24 5.05 -4.51 -4.87
CA PHE A 24 6.44 -4.06 -5.16
C PHE A 24 7.47 -4.97 -4.54
N ARG A 25 7.00 -5.79 -3.66
CA ARG A 25 7.89 -6.75 -2.94
C ARG A 25 7.74 -8.13 -3.57
N ILE A 26 6.64 -8.27 -4.25
CA ILE A 26 6.31 -9.54 -4.95
C ILE A 26 6.74 -9.42 -6.43
N GLY A 27 6.40 -8.30 -7.04
CA GLY A 27 6.76 -8.07 -8.47
C GLY A 27 8.18 -8.49 -8.81
N CYS A 28 9.12 -7.84 -8.19
CA CYS A 28 10.56 -8.18 -8.44
C CYS A 28 10.89 -9.65 -8.17
N ARG A 29 10.12 -10.26 -7.32
CA ARG A 29 10.35 -11.69 -6.98
C ARG A 29 9.56 -12.63 -7.92
N HIS A 30 8.63 -12.06 -8.63
CA HIS A 30 7.82 -12.92 -9.55
C HIS A 30 8.65 -13.36 -10.77
N SER A 31 9.74 -12.70 -11.03
CA SER A 31 10.64 -13.04 -12.18
C SER A 31 11.77 -12.03 -12.33
N ARG A 32 13.00 -12.47 -12.22
CA ARG A 32 14.15 -11.52 -12.36
C ARG A 32 15.43 -12.33 -12.67
N ILE A 33 15.75 -12.42 -13.93
CA ILE A 33 16.97 -13.17 -14.36
C ILE A 33 18.04 -12.08 -14.53
N GLY A 34 19.28 -12.45 -14.36
CA GLY A 34 20.40 -11.48 -14.51
C GLY A 34 21.65 -12.27 -14.16
N NH2 A 35 22.82 -11.73 -14.33
HN1 NH2 A 35 22.87 -10.82 -14.67
HN2 NH2 A 35 23.62 -12.25 -14.10
C ACE A 1 -12.34 14.54 16.90
O ACE A 1 -11.14 14.43 16.82
CH3 ACE A 1 -13.19 13.39 17.45
H1 ACE A 1 -13.88 13.05 16.68
H2 ACE A 1 -13.73 13.72 18.32
H3 ACE A 1 -12.53 12.57 17.71
N TYR A 2 -13.02 15.61 16.55
CA TYR A 2 -12.38 16.86 15.99
C TYR A 2 -11.88 16.65 14.56
N GLY A 3 -11.07 15.64 14.39
CA GLY A 3 -10.49 15.30 13.06
C GLY A 3 -11.48 14.33 12.40
N ASP A 4 -11.95 14.67 11.22
CA ASP A 4 -12.93 13.76 10.52
C ASP A 4 -12.24 13.08 9.31
N THR A 5 -12.49 13.60 8.13
CA THR A 5 -11.90 13.04 6.88
C THR A 5 -10.39 12.73 6.99
N TRP A 6 -9.68 13.49 7.77
CA TRP A 6 -8.22 13.25 7.91
C TRP A 6 -7.95 11.87 8.42
N ALA A 7 -8.61 11.53 9.48
CA ALA A 7 -8.41 10.17 10.05
C ALA A 7 -9.05 9.18 9.10
N GLY A 8 -10.22 9.57 8.66
CA GLY A 8 -10.98 8.68 7.73
C GLY A 8 -10.19 8.33 6.47
N VAL A 9 -9.38 9.26 6.04
CA VAL A 9 -8.57 9.04 4.80
C VAL A 9 -7.16 8.60 5.10
N GLU A 10 -6.53 9.21 6.05
CA GLU A 10 -5.13 8.79 6.36
C GLU A 10 -5.15 7.32 6.73
N ALA A 11 -6.26 6.91 7.26
CA ALA A 11 -6.38 5.50 7.67
C ALA A 11 -6.61 4.59 6.47
N ILE A 12 -7.18 5.11 5.41
CA ILE A 12 -7.42 4.20 4.24
C ILE A 12 -6.28 4.32 3.26
N ILE A 13 -5.77 5.50 3.17
CA ILE A 13 -4.67 5.77 2.26
C ILE A 13 -3.41 5.10 2.82
N ARG A 14 -3.37 4.87 4.11
CA ARG A 14 -2.11 4.24 4.61
C ARG A 14 -2.02 2.79 4.23
N ILE A 15 -3.04 2.07 4.54
CA ILE A 15 -3.05 0.61 4.23
C ILE A 15 -3.17 0.30 2.76
N LEU A 16 -3.82 1.16 2.02
CA LEU A 16 -3.97 0.95 0.58
C LEU A 16 -2.61 1.11 -0.04
N GLN A 17 -1.87 2.03 0.48
CA GLN A 17 -0.52 2.22 -0.10
C GLN A 17 0.33 1.07 0.39
N GLN A 18 0.25 0.84 1.67
CA GLN A 18 1.06 -0.27 2.27
C GLN A 18 0.85 -1.59 1.53
N LEU A 19 -0.39 -1.87 1.24
CA LEU A 19 -0.70 -3.13 0.54
C LEU A 19 -0.32 -3.00 -0.91
N LEU A 20 -0.53 -1.84 -1.46
CA LEU A 20 -0.15 -1.67 -2.89
C LEU A 20 1.37 -1.75 -2.93
N PHE A 21 2.02 -1.62 -1.80
CA PHE A 21 3.51 -1.70 -1.84
C PHE A 21 3.85 -3.16 -2.05
N ILE A 22 3.06 -3.99 -1.45
CA ILE A 22 3.28 -5.47 -1.56
C ILE A 22 3.40 -5.94 -3.01
N HIS A 23 2.56 -5.48 -3.90
CA HIS A 23 2.71 -5.97 -5.32
C HIS A 23 4.13 -5.73 -5.85
N PHE A 24 4.76 -4.71 -5.31
CA PHE A 24 6.14 -4.35 -5.72
C PHE A 24 7.16 -5.31 -5.13
N ARG A 25 6.79 -5.82 -4.00
CA ARG A 25 7.68 -6.76 -3.28
C ARG A 25 7.48 -8.15 -3.89
N ILE A 26 6.24 -8.40 -4.18
CA ILE A 26 5.83 -9.69 -4.79
C ILE A 26 6.47 -9.75 -6.19
N GLY A 27 6.31 -8.71 -6.97
CA GLY A 27 6.92 -8.72 -8.34
C GLY A 27 8.40 -9.09 -8.25
N CYS A 28 9.11 -8.39 -7.39
CA CYS A 28 10.57 -8.67 -7.21
C CYS A 28 10.84 -10.19 -7.07
N ARG A 29 10.23 -10.75 -6.05
CA ARG A 29 10.39 -12.22 -5.80
C ARG A 29 10.07 -13.07 -7.02
N HIS A 30 9.08 -12.70 -7.78
CA HIS A 30 8.73 -13.52 -8.99
C HIS A 30 9.61 -13.08 -10.17
N SER A 31 10.28 -11.99 -9.97
CA SER A 31 11.17 -11.42 -11.00
C SER A 31 12.62 -11.93 -10.94
N ARG A 32 13.09 -12.38 -9.80
CA ARG A 32 14.51 -12.88 -9.74
C ARG A 32 14.54 -14.37 -9.39
N ILE A 33 13.89 -15.17 -10.19
CA ILE A 33 13.87 -16.65 -9.92
C ILE A 33 13.97 -17.46 -11.21
N GLY A 34 14.09 -18.75 -11.04
CA GLY A 34 14.21 -19.69 -12.19
C GLY A 34 14.22 -21.07 -11.54
N NH2 A 35 14.59 -22.11 -12.22
HN1 NH2 A 35 14.85 -22.01 -13.15
HN2 NH2 A 35 14.60 -22.99 -11.78
C ACE A 1 -8.94 17.24 14.95
O ACE A 1 -8.68 17.88 13.95
CH3 ACE A 1 -7.82 16.51 15.70
H1 ACE A 1 -6.95 16.44 15.06
H2 ACE A 1 -8.15 15.50 15.94
H3 ACE A 1 -7.58 17.05 16.61
N TYR A 2 -10.14 17.13 15.47
CA TYR A 2 -11.33 17.80 14.83
C TYR A 2 -11.36 17.47 13.32
N GLY A 3 -10.92 16.28 13.02
CA GLY A 3 -10.90 15.82 11.61
C GLY A 3 -11.61 14.48 11.62
N ASP A 4 -12.50 14.32 10.68
CA ASP A 4 -13.28 13.04 10.57
C ASP A 4 -12.87 12.37 9.27
N THR A 5 -13.35 12.93 8.20
CA THR A 5 -13.06 12.40 6.84
C THR A 5 -11.54 12.33 6.59
N TRP A 6 -10.88 13.37 7.02
CA TRP A 6 -9.41 13.45 6.84
C TRP A 6 -8.73 12.34 7.63
N ALA A 7 -8.97 12.43 8.90
CA ALA A 7 -8.40 11.45 9.85
C ALA A 7 -8.66 10.05 9.33
N GLY A 8 -9.87 9.88 8.85
CA GLY A 8 -10.26 8.55 8.31
C GLY A 8 -9.54 8.23 7.00
N VAL A 9 -9.36 9.20 6.15
CA VAL A 9 -8.67 8.87 4.86
C VAL A 9 -7.20 8.63 5.02
N GLU A 10 -6.56 9.34 5.89
CA GLU A 10 -5.10 9.10 6.04
C GLU A 10 -4.92 7.71 6.63
N ALA A 11 -5.92 7.35 7.39
CA ALA A 11 -5.90 6.03 8.06
C ALA A 11 -6.09 4.89 7.08
N ILE A 12 -6.92 5.12 6.10
CA ILE A 12 -7.14 4.03 5.09
C ILE A 12 -5.99 4.08 4.13
N ILE A 13 -5.58 5.30 3.90
CA ILE A 13 -4.46 5.54 2.97
C ILE A 13 -3.31 4.63 3.46
N ARG A 14 -3.11 4.60 4.76
CA ARG A 14 -2.00 3.71 5.30
C ARG A 14 -2.10 2.29 4.78
N ILE A 15 -3.30 1.89 4.56
CA ILE A 15 -3.54 0.51 4.08
C ILE A 15 -3.50 0.46 2.55
N LEU A 16 -3.63 1.57 1.90
CA LEU A 16 -3.61 1.54 0.42
C LEU A 16 -2.19 1.53 -0.06
N GLN A 17 -1.37 2.24 0.66
CA GLN A 17 0.04 2.27 0.23
C GLN A 17 0.64 0.94 0.61
N GLN A 18 0.40 0.54 1.83
CA GLN A 18 0.97 -0.74 2.31
C GLN A 18 0.72 -1.88 1.32
N LEU A 19 -0.50 -1.94 0.89
CA LEU A 19 -0.88 -3.01 -0.06
C LEU A 19 -0.27 -2.73 -1.41
N LEU A 20 -0.29 -1.49 -1.80
CA LEU A 20 0.31 -1.17 -3.12
C LEU A 20 1.81 -1.47 -3.03
N PHE A 21 2.31 -1.62 -1.83
CA PHE A 21 3.76 -1.91 -1.70
C PHE A 21 3.94 -3.39 -2.00
N ILE A 22 3.01 -4.16 -1.52
CA ILE A 22 3.07 -5.65 -1.73
C ILE A 22 3.31 -5.99 -3.20
N HIS A 23 2.68 -5.27 -4.07
CA HIS A 23 2.86 -5.53 -5.53
C HIS A 23 4.37 -5.57 -5.87
N PHE A 24 5.08 -4.67 -5.26
CA PHE A 24 6.56 -4.59 -5.51
C PHE A 24 7.28 -5.82 -4.98
N ARG A 25 6.71 -6.32 -3.94
CA ARG A 25 7.28 -7.50 -3.26
C ARG A 25 6.98 -8.71 -4.15
N ILE A 26 5.79 -8.70 -4.66
CA ILE A 26 5.31 -9.77 -5.57
C ILE A 26 6.22 -9.76 -6.81
N GLY A 27 6.32 -8.63 -7.47
CA GLY A 27 7.20 -8.55 -8.68
C GLY A 27 8.61 -9.03 -8.33
N CYS A 28 9.15 -8.45 -7.28
CA CYS A 28 10.52 -8.81 -6.81
C CYS A 28 10.66 -10.33 -6.67
N ARG A 29 9.76 -10.92 -5.92
CA ARG A 29 9.78 -12.40 -5.72
C ARG A 29 9.76 -13.15 -7.06
N HIS A 30 9.13 -12.59 -8.05
CA HIS A 30 9.09 -13.29 -9.38
C HIS A 30 10.44 -13.17 -10.10
N SER A 31 11.31 -12.34 -9.58
CA SER A 31 12.68 -12.14 -10.18
C SER A 31 12.70 -11.75 -11.67
N ARG A 32 11.58 -11.34 -12.20
CA ARG A 32 11.54 -10.94 -13.65
C ARG A 32 12.40 -9.69 -13.93
N ILE A 33 12.62 -8.94 -12.88
CA ILE A 33 13.43 -7.68 -12.94
C ILE A 33 14.89 -7.95 -13.36
N GLY A 34 15.04 -8.22 -14.62
CA GLY A 34 16.39 -8.52 -15.20
C GLY A 34 16.22 -9.19 -16.55
N NH2 A 35 15.12 -9.83 -16.82
HN1 NH2 A 35 14.39 -9.89 -16.15
HN2 NH2 A 35 15.03 -10.24 -17.69
C ACE A 1 -12.81 19.18 12.98
O ACE A 1 -11.60 19.15 13.05
CH3 ACE A 1 -13.49 20.13 11.99
H1 ACE A 1 -13.43 19.72 11.00
H2 ACE A 1 -12.98 21.09 12.03
H3 ACE A 1 -14.53 20.28 12.27
N TYR A 2 -13.59 18.41 13.69
CA TYR A 2 -13.00 17.43 14.68
C TYR A 2 -12.47 16.20 13.92
N GLY A 3 -11.56 16.45 13.01
CA GLY A 3 -10.96 15.36 12.19
C GLY A 3 -12.00 14.53 11.44
N ASP A 4 -12.09 13.28 11.82
CA ASP A 4 -13.05 12.27 11.23
C ASP A 4 -12.63 11.93 9.79
N THR A 5 -12.66 12.92 8.96
CA THR A 5 -12.29 12.78 7.52
C THR A 5 -10.79 12.53 7.35
N TRP A 6 -10.05 13.50 7.83
CA TRP A 6 -8.56 13.51 7.78
C TRP A 6 -8.02 12.15 8.17
N ALA A 7 -8.17 11.91 9.43
CA ALA A 7 -7.68 10.63 9.99
C ALA A 7 -8.29 9.50 9.15
N GLY A 8 -9.53 9.69 8.80
CA GLY A 8 -10.24 8.67 7.99
C GLY A 8 -9.47 8.41 6.69
N VAL A 9 -8.90 9.44 6.13
CA VAL A 9 -8.13 9.27 4.86
C VAL A 9 -6.78 8.69 5.13
N GLU A 10 -6.16 9.11 6.18
CA GLU A 10 -4.80 8.54 6.47
C GLU A 10 -4.97 7.05 6.70
N ALA A 11 -6.14 6.74 7.18
CA ALA A 11 -6.50 5.34 7.48
C ALA A 11 -6.78 4.57 6.20
N ILE A 12 -7.38 5.21 5.22
CA ILE A 12 -7.65 4.41 3.97
C ILE A 12 -6.40 4.44 3.12
N ILE A 13 -5.67 5.50 3.28
CA ILE A 13 -4.42 5.62 2.50
C ILE A 13 -3.38 4.62 3.06
N ARG A 14 -3.47 4.38 4.33
CA ARG A 14 -2.54 3.45 5.02
C ARG A 14 -2.40 2.12 4.33
N ILE A 15 -3.50 1.46 4.28
CA ILE A 15 -3.57 0.13 3.65
C ILE A 15 -3.56 0.16 2.15
N LEU A 16 -4.02 1.22 1.55
CA LEU A 16 -4.02 1.27 0.09
C LEU A 16 -2.59 1.41 -0.35
N GLN A 17 -1.82 2.12 0.41
CA GLN A 17 -0.42 2.29 -0.01
C GLN A 17 0.35 1.06 0.44
N GLN A 18 0.23 0.77 1.70
CA GLN A 18 0.96 -0.40 2.25
C GLN A 18 0.69 -1.66 1.48
N LEU A 19 -0.52 -1.81 1.02
CA LEU A 19 -0.83 -3.04 0.27
C LEU A 19 -0.41 -2.91 -1.17
N LEU A 20 -0.59 -1.75 -1.72
CA LEU A 20 -0.18 -1.55 -3.13
C LEU A 20 1.33 -1.75 -3.15
N PHE A 21 1.96 -1.56 -2.01
CA PHE A 21 3.44 -1.75 -2.00
C PHE A 21 3.77 -3.21 -2.26
N ILE A 22 2.92 -4.03 -1.74
CA ILE A 22 3.11 -5.50 -1.89
C ILE A 22 3.26 -5.94 -3.33
N HIS A 23 2.55 -5.37 -4.28
CA HIS A 23 2.76 -5.87 -5.69
C HIS A 23 4.23 -5.64 -6.09
N PHE A 24 4.84 -4.66 -5.47
CA PHE A 24 6.26 -4.35 -5.79
C PHE A 24 7.17 -5.39 -5.18
N ARG A 25 6.65 -6.01 -4.18
CA ARG A 25 7.40 -7.06 -3.45
C ARG A 25 7.16 -8.35 -4.23
N ILE A 26 5.91 -8.63 -4.37
CA ILE A 26 5.43 -9.83 -5.10
C ILE A 26 6.00 -9.88 -6.51
N GLY A 27 6.16 -8.76 -7.16
CA GLY A 27 6.73 -8.83 -8.54
C GLY A 27 8.23 -9.12 -8.40
N CYS A 28 8.91 -8.16 -7.83
CA CYS A 28 10.37 -8.27 -7.61
C CYS A 28 10.84 -9.59 -6.95
N ARG A 29 10.35 -9.83 -5.77
CA ARG A 29 10.71 -11.07 -5.00
C ARG A 29 10.30 -12.36 -5.70
N HIS A 30 9.52 -12.26 -6.74
CA HIS A 30 9.10 -13.51 -7.46
C HIS A 30 10.34 -14.20 -8.06
N SER A 31 11.05 -13.48 -8.89
CA SER A 31 12.28 -14.03 -9.56
C SER A 31 12.88 -13.01 -10.56
N ARG A 32 13.31 -11.89 -10.04
CA ARG A 32 13.91 -10.78 -10.87
C ARG A 32 13.20 -10.48 -12.20
N ILE A 33 11.92 -10.79 -12.26
CA ILE A 33 11.11 -10.54 -13.50
C ILE A 33 11.78 -11.29 -14.69
N GLY A 34 12.38 -12.41 -14.39
CA GLY A 34 13.07 -13.23 -15.44
C GLY A 34 12.08 -13.88 -16.40
N NH2 A 35 11.36 -13.14 -17.19
HN1 NH2 A 35 11.47 -12.16 -17.14
HN2 NH2 A 35 10.72 -13.55 -17.80
C ACE A 1 -10.29 20.24 11.94
O ACE A 1 -9.44 19.84 12.70
CH3 ACE A 1 -11.51 20.98 12.47
H1 ACE A 1 -12.41 20.44 12.20
H2 ACE A 1 -11.55 21.97 12.05
H3 ACE A 1 -11.45 21.05 13.55
N TYR A 2 -10.25 20.04 10.64
CA TYR A 2 -9.12 19.34 9.93
C TYR A 2 -8.99 17.83 10.20
N GLY A 3 -9.10 17.46 11.44
CA GLY A 3 -8.98 16.01 11.83
C GLY A 3 -10.27 15.27 11.51
N ASP A 4 -10.73 15.48 10.30
CA ASP A 4 -11.98 14.84 9.81
C ASP A 4 -11.60 13.95 8.62
N THR A 5 -12.14 14.19 7.46
CA THR A 5 -11.85 13.38 6.24
C THR A 5 -10.34 13.11 6.02
N TRP A 6 -9.52 14.04 6.40
CA TRP A 6 -8.04 13.87 6.23
C TRP A 6 -7.60 12.69 7.07
N ALA A 7 -7.99 12.76 8.31
CA ALA A 7 -7.63 11.69 9.26
C ALA A 7 -8.26 10.38 8.78
N GLY A 8 -9.51 10.48 8.43
CA GLY A 8 -10.22 9.26 7.93
C GLY A 8 -9.53 8.64 6.73
N VAL A 9 -9.09 9.49 5.83
CA VAL A 9 -8.41 8.98 4.61
C VAL A 9 -6.96 8.61 4.82
N GLU A 10 -6.29 9.23 5.73
CA GLU A 10 -4.86 8.84 5.91
C GLU A 10 -4.89 7.39 6.42
N ALA A 11 -5.92 7.16 7.18
CA ALA A 11 -6.15 5.82 7.79
C ALA A 11 -6.42 4.76 6.73
N ILE A 12 -7.17 5.10 5.72
CA ILE A 12 -7.44 4.06 4.68
C ILE A 12 -6.24 4.04 3.75
N ILE A 13 -5.65 5.18 3.65
CA ILE A 13 -4.45 5.27 2.77
C ILE A 13 -3.38 4.33 3.33
N ARG A 14 -3.38 4.17 4.62
CA ARG A 14 -2.35 3.29 5.24
C ARG A 14 -2.45 1.84 4.83
N ILE A 15 -3.60 1.28 5.04
CA ILE A 15 -3.77 -0.15 4.68
C ILE A 15 -3.78 -0.37 3.17
N LEU A 16 -4.19 0.61 2.43
CA LEU A 16 -4.23 0.46 0.97
C LEU A 16 -2.81 0.49 0.47
N GLN A 17 -1.98 1.24 1.14
CA GLN A 17 -0.58 1.29 0.68
C GLN A 17 0.10 0.03 1.18
N GLN A 18 -0.14 -0.30 2.43
CA GLN A 18 0.51 -1.52 2.99
C GLN A 18 0.24 -2.75 2.14
N LEU A 19 -0.94 -2.81 1.61
CA LEU A 19 -1.30 -3.98 0.76
C LEU A 19 -0.79 -3.74 -0.64
N LEU A 20 -0.88 -2.53 -1.10
CA LEU A 20 -0.39 -2.24 -2.45
C LEU A 20 1.12 -2.44 -2.40
N PHE A 21 1.69 -2.49 -1.22
CA PHE A 21 3.18 -2.67 -1.18
C PHE A 21 3.50 -4.09 -1.66
N ILE A 22 2.56 -4.96 -1.43
CA ILE A 22 2.78 -6.40 -1.82
C ILE A 22 3.16 -6.49 -3.30
N HIS A 23 2.51 -5.73 -4.13
CA HIS A 23 2.80 -5.74 -5.59
C HIS A 23 4.31 -5.49 -5.83
N PHE A 24 4.87 -4.71 -4.94
CA PHE A 24 6.33 -4.38 -5.04
C PHE A 24 7.19 -5.47 -4.45
N ARG A 25 6.56 -6.27 -3.65
CA ARG A 25 7.28 -7.39 -2.99
C ARG A 25 7.07 -8.63 -3.82
N ILE A 26 6.07 -8.54 -4.64
CA ILE A 26 5.71 -9.65 -5.55
C ILE A 26 6.44 -9.43 -6.89
N GLY A 27 6.23 -8.28 -7.50
CA GLY A 27 6.89 -8.00 -8.80
C GLY A 27 8.41 -8.05 -8.71
N CYS A 28 8.96 -7.16 -7.93
CA CYS A 28 10.43 -7.11 -7.76
C CYS A 28 10.96 -8.51 -7.39
N ARG A 29 10.29 -9.14 -6.49
CA ARG A 29 10.71 -10.52 -6.06
C ARG A 29 10.62 -11.47 -7.25
N HIS A 30 9.64 -11.27 -8.10
CA HIS A 30 9.53 -12.20 -9.28
C HIS A 30 10.48 -11.68 -10.35
N SER A 31 10.93 -10.45 -10.20
CA SER A 31 11.86 -9.86 -11.20
C SER A 31 12.67 -8.68 -10.65
N ARG A 32 13.90 -8.97 -10.31
CA ARG A 32 14.83 -7.93 -9.75
C ARG A 32 15.16 -6.79 -10.76
N ILE A 33 14.49 -6.77 -11.89
CA ILE A 33 14.73 -5.74 -12.96
C ILE A 33 16.24 -5.56 -13.24
N GLY A 34 16.89 -6.67 -13.44
CA GLY A 34 18.35 -6.67 -13.72
C GLY A 34 18.64 -6.13 -15.12
N NH2 A 35 18.29 -4.93 -15.44
HN1 NH2 A 35 17.84 -4.36 -14.77
HN2 NH2 A 35 18.48 -4.59 -16.33
#